data_7SHI
#
_entry.id   7SHI
#
_cell.length_a   73.458
_cell.length_b   68.154
_cell.length_c   147.529
_cell.angle_alpha   90.00
_cell.angle_beta   90.00
_cell.angle_gamma   90.00
#
_symmetry.space_group_name_H-M   'P 21 21 21'
#
loop_
_entity.id
_entity.type
_entity.pdbx_description
1 polymer AmphL
2 non-polymer 'PROTOPORPHYRIN IX CONTAINING FE'
3 non-polymer 'Amphotericin B'
4 non-polymer 'SULFATE ION'
5 water water
#
_entity_poly.entity_id   1
_entity_poly.type   'polypeptide(L)'
_entity_poly.pdbx_seq_one_letter_code
;MVNPTPPPSLEDAAPSVLRLSPLLRELQMRAPVTKIRTPAGDEGWLVTRHAELKQLLHDERLARAHADPANAPRYVKSPL
MDLLIMDDVEAARAAHAELRTLLTPQFSARRVLNMMPMVEGIAEQILNGFAAQEQPADLRGNFSLPYSLTVLCALIGIPL
QEQGQLLAVLGEMATLNDAESVARSQAKLFGLLTDLAGRKRAEPGDDVISRLCETVPEDERIGPIAASLLFAGLDSVATH
VDLGVVLFTQYPDQLKEALADEKLMRSGVEEILRAAKAGGSGAALPRYATDDIEIADVTIRTGDLVLLDFTLVNFDEAVF
DDADLFDIRRSPNEHLTFGHGMWHCIGAPLARMMLKTAYTQLFTRLPGLKLASSVEELQVTSGQLNGGLTELPVTW
;
_entity_poly.pdbx_strand_id   A,B
#
loop_
_chem_comp.id
_chem_comp.type
_chem_comp.name
_chem_comp.formula
4UH non-polymer 'Amphotericin B' 'C47 H73 N O17'
HEM non-polymer 'PROTOPORPHYRIN IX CONTAINING FE' 'C34 H32 Fe N4 O4'
SO4 non-polymer 'SULFATE ION' 'O4 S -2'
#
# COMPACT_ATOMS: atom_id res chain seq x y z
N PRO A 6 -11.60 -16.81 -27.17
CA PRO A 6 -10.54 -17.26 -26.27
C PRO A 6 -9.26 -16.44 -26.43
N PRO A 7 -8.72 -15.92 -25.31
CA PRO A 7 -7.58 -14.99 -25.38
C PRO A 7 -6.32 -15.69 -25.85
N PRO A 8 -5.36 -14.96 -26.43
CA PRO A 8 -4.11 -15.60 -26.86
C PRO A 8 -3.39 -16.25 -25.69
N SER A 9 -2.71 -17.34 -25.98
CA SER A 9 -1.98 -18.09 -24.96
C SER A 9 -0.53 -17.62 -24.92
N LEU A 10 -0.03 -17.31 -23.73
CA LEU A 10 1.40 -17.11 -23.56
C LEU A 10 2.13 -18.41 -23.88
N GLU A 11 3.16 -18.33 -24.73
CA GLU A 11 3.79 -19.53 -25.23
C GLU A 11 4.87 -20.04 -24.26
N ASP A 12 5.50 -21.16 -24.61
CA ASP A 12 6.34 -21.87 -23.65
C ASP A 12 7.74 -21.25 -23.50
N ALA A 13 8.19 -20.47 -24.48
CA ALA A 13 9.46 -19.75 -24.38
C ALA A 13 9.50 -18.61 -25.41
N ALA A 14 10.60 -18.51 -26.15
CA ALA A 14 10.71 -17.58 -27.27
C ALA A 14 11.37 -18.33 -28.43
N PRO A 15 11.09 -17.94 -29.67
CA PRO A 15 11.75 -18.62 -30.81
C PRO A 15 13.26 -18.50 -30.78
N SER A 16 13.80 -17.42 -30.22
CA SER A 16 15.24 -17.34 -30.05
C SER A 16 15.57 -16.33 -28.96
N VAL A 17 16.83 -16.38 -28.54
CA VAL A 17 17.34 -15.67 -27.37
C VAL A 17 17.63 -14.22 -27.72
N LEU A 18 17.37 -13.33 -26.76
CA LEU A 18 17.69 -11.90 -26.79
C LEU A 18 16.80 -11.10 -27.75
N ARG A 19 15.81 -11.72 -28.39
CA ARG A 19 14.80 -10.97 -29.13
C ARG A 19 13.44 -11.26 -28.52
N LEU A 20 12.65 -10.18 -28.32
CA LEU A 20 11.31 -10.32 -27.77
C LEU A 20 10.45 -11.17 -28.69
N SER A 21 9.71 -12.10 -28.12
CA SER A 21 8.93 -13.01 -28.95
C SER A 21 7.87 -12.22 -29.71
N PRO A 22 7.58 -12.63 -30.95
CA PRO A 22 6.59 -11.86 -31.75
C PRO A 22 5.21 -11.79 -31.11
N LEU A 23 4.80 -12.83 -30.39
CA LEU A 23 3.50 -12.80 -29.74
C LEU A 23 3.42 -11.69 -28.70
N LEU A 24 4.49 -11.53 -27.90
CA LEU A 24 4.53 -10.47 -26.91
C LEU A 24 4.53 -9.10 -27.57
N ARG A 25 5.29 -8.94 -28.65
CA ARG A 25 5.29 -7.65 -29.32
C ARG A 25 3.92 -7.34 -29.89
N GLU A 26 3.17 -8.36 -30.30
CA GLU A 26 1.83 -8.14 -30.80
C GLU A 26 0.87 -7.75 -29.68
N LEU A 27 0.90 -8.51 -28.58
CA LEU A 27 0.06 -8.19 -27.43
C LEU A 27 0.29 -6.75 -26.96
N GLN A 28 1.54 -6.32 -26.97
CA GLN A 28 1.88 -4.96 -26.53
C GLN A 28 1.28 -3.92 -27.46
N MET A 29 1.22 -4.21 -28.76
CA MET A 29 0.63 -3.25 -29.70
C MET A 29 -0.88 -3.20 -29.61
N ARG A 30 -1.52 -4.30 -29.19
N ARG A 30 -1.53 -4.29 -29.17
CA ARG A 30 -2.98 -4.35 -29.15
CA ARG A 30 -2.99 -4.33 -29.16
C ARG A 30 -3.56 -3.44 -28.06
C ARG A 30 -3.59 -3.47 -28.05
N ALA A 31 -3.03 -3.53 -26.84
CA ALA A 31 -3.56 -2.74 -25.73
C ALA A 31 -2.60 -2.68 -24.55
N PRO A 32 -2.69 -1.64 -23.70
CA PRO A 32 -1.85 -1.58 -22.49
C PRO A 32 -2.13 -2.69 -21.50
N VAL A 33 -3.39 -3.08 -21.34
CA VAL A 33 -3.78 -4.20 -20.50
C VAL A 33 -4.68 -5.08 -21.34
N THR A 34 -4.37 -6.36 -21.44
CA THR A 34 -5.08 -7.18 -22.40
C THR A 34 -5.23 -8.59 -21.86
N LYS A 35 -6.36 -9.23 -22.20
CA LYS A 35 -6.66 -10.55 -21.68
C LYS A 35 -5.87 -11.60 -22.45
N ILE A 36 -5.24 -12.52 -21.72
CA ILE A 36 -4.49 -13.63 -22.26
C ILE A 36 -4.94 -14.90 -21.56
N ARG A 37 -4.47 -16.03 -22.07
CA ARG A 37 -4.61 -17.32 -21.40
C ARG A 37 -3.27 -17.71 -20.82
N THR A 38 -3.25 -18.02 -19.53
CA THR A 38 -1.99 -18.31 -18.88
C THR A 38 -1.47 -19.71 -19.24
N PRO A 39 -0.18 -19.97 -19.03
CA PRO A 39 0.32 -21.35 -19.18
C PRO A 39 -0.52 -22.37 -18.44
N ALA A 40 -1.05 -22.00 -17.26
CA ALA A 40 -1.89 -22.91 -16.50
C ALA A 40 -3.29 -23.07 -17.07
N GLY A 41 -3.65 -22.34 -18.13
CA GLY A 41 -4.93 -22.50 -18.77
C GLY A 41 -5.99 -21.50 -18.37
N ASP A 42 -5.72 -20.65 -17.40
CA ASP A 42 -6.73 -19.70 -16.93
C ASP A 42 -6.65 -18.39 -17.72
N GLU A 43 -7.55 -17.47 -17.42
CA GLU A 43 -7.57 -16.16 -18.06
C GLU A 43 -6.93 -15.12 -17.14
N GLY A 44 -6.23 -14.15 -17.74
CA GLY A 44 -5.53 -13.16 -16.95
C GLY A 44 -5.30 -11.89 -17.73
N TRP A 45 -5.07 -10.81 -16.99
CA TRP A 45 -4.72 -9.52 -17.56
C TRP A 45 -3.20 -9.40 -17.68
N LEU A 46 -2.72 -9.19 -18.90
CA LEU A 46 -1.31 -8.91 -19.13
C LEU A 46 -1.14 -7.41 -19.29
N VAL A 47 -0.26 -6.84 -18.48
CA VAL A 47 0.11 -5.44 -18.61
C VAL A 47 1.33 -5.35 -19.53
N THR A 48 1.20 -4.59 -20.60
CA THR A 48 2.18 -4.68 -21.69
C THR A 48 2.98 -3.41 -21.91
N ARG A 49 2.64 -2.31 -21.24
CA ARG A 49 3.27 -1.02 -21.51
C ARG A 49 3.80 -0.40 -20.22
N HIS A 50 4.84 0.40 -20.38
CA HIS A 50 5.64 0.92 -19.28
C HIS A 50 4.81 1.80 -18.34
N ALA A 51 4.15 2.83 -18.89
CA ALA A 51 3.39 3.75 -18.04
C ALA A 51 2.34 3.02 -17.22
N GLU A 52 1.60 2.10 -17.85
CA GLU A 52 0.55 1.37 -17.13
C GLU A 52 1.14 0.42 -16.10
N LEU A 53 2.24 -0.28 -16.42
CA LEU A 53 2.86 -1.13 -15.41
C LEU A 53 3.33 -0.29 -14.24
N LYS A 54 3.99 0.82 -14.53
CA LYS A 54 4.51 1.63 -13.43
C LYS A 54 3.38 2.13 -12.54
N GLN A 55 2.25 2.53 -13.13
CA GLN A 55 1.11 2.94 -12.31
C GLN A 55 0.60 1.79 -11.46
N LEU A 56 0.43 0.59 -12.06
CA LEU A 56 -0.14 -0.52 -11.30
C LEU A 56 0.82 -1.06 -10.24
N LEU A 57 2.13 -0.87 -10.41
CA LEU A 57 3.05 -1.25 -9.35
C LEU A 57 2.85 -0.42 -8.08
N HIS A 58 2.14 0.70 -8.15
CA HIS A 58 1.84 1.49 -6.96
C HIS A 58 0.36 1.43 -6.54
N ASP A 59 -0.40 0.48 -7.07
CA ASP A 59 -1.83 0.40 -6.77
C ASP A 59 -2.06 -0.59 -5.64
N GLU A 60 -2.60 -0.09 -4.53
CA GLU A 60 -2.86 -0.91 -3.36
C GLU A 60 -3.92 -1.98 -3.61
N ARG A 61 -4.69 -1.88 -4.69
CA ARG A 61 -5.71 -2.88 -4.94
C ARG A 61 -5.17 -4.15 -5.60
N LEU A 62 -3.87 -4.27 -5.80
CA LEU A 62 -3.28 -5.52 -6.25
C LEU A 62 -2.55 -6.16 -5.08
N ALA A 63 -2.83 -7.43 -4.82
CA ALA A 63 -2.28 -8.10 -3.66
C ALA A 63 -2.05 -9.56 -3.99
N ARG A 64 -1.25 -10.20 -3.15
CA ARG A 64 -1.09 -11.65 -3.20
C ARG A 64 -2.17 -12.31 -2.35
N ALA A 65 -3.42 -12.07 -2.75
CA ALA A 65 -4.57 -12.49 -1.95
C ALA A 65 -5.78 -12.71 -2.85
N HIS A 66 -6.52 -13.77 -2.55
CA HIS A 66 -7.73 -14.12 -3.28
C HIS A 66 -8.71 -14.73 -2.31
N ALA A 67 -9.99 -14.38 -2.45
CA ALA A 67 -11.00 -14.89 -1.53
C ALA A 67 -11.06 -16.41 -1.50
N ASP A 68 -10.72 -17.06 -2.60
CA ASP A 68 -10.71 -18.52 -2.67
C ASP A 68 -9.47 -18.97 -3.42
N PRO A 69 -8.32 -19.04 -2.72
CA PRO A 69 -7.06 -19.35 -3.42
C PRO A 69 -7.09 -20.66 -4.19
N ALA A 70 -7.75 -21.69 -3.65
CA ALA A 70 -7.79 -22.98 -4.34
C ALA A 70 -8.40 -22.84 -5.73
N ASN A 71 -9.39 -21.96 -5.89
CA ASN A 71 -10.05 -21.78 -7.17
C ASN A 71 -9.63 -20.52 -7.90
N ALA A 72 -8.64 -19.79 -7.39
CA ALA A 72 -8.22 -18.55 -8.03
C ALA A 72 -7.64 -18.83 -9.42
N PRO A 73 -7.83 -17.92 -10.38
CA PRO A 73 -7.21 -18.13 -11.70
C PRO A 73 -5.69 -18.11 -11.60
N ARG A 74 -5.06 -19.12 -12.20
CA ARG A 74 -3.65 -19.35 -11.98
C ARG A 74 -2.82 -18.85 -13.15
N TYR A 75 -1.60 -18.42 -12.82
CA TYR A 75 -0.58 -18.14 -13.82
C TYR A 75 0.04 -19.44 -14.35
N VAL A 76 0.64 -20.21 -13.44
CA VAL A 76 1.29 -21.47 -13.78
C VAL A 76 0.81 -22.50 -12.76
N LYS A 77 0.87 -23.76 -13.16
CA LYS A 77 0.58 -24.87 -12.25
C LYS A 77 1.82 -25.07 -11.39
N SER A 78 1.79 -24.56 -10.17
CA SER A 78 2.95 -24.67 -9.29
C SER A 78 2.53 -24.54 -7.84
N PRO A 79 2.73 -25.57 -7.02
CA PRO A 79 2.50 -25.44 -5.58
C PRO A 79 3.34 -24.36 -4.92
N LEU A 80 4.36 -23.84 -5.61
CA LEU A 80 5.13 -22.73 -5.07
C LEU A 80 4.32 -21.44 -5.06
N MET A 81 3.69 -21.10 -6.20
CA MET A 81 2.81 -19.94 -6.25
C MET A 81 1.67 -20.05 -5.25
N ASP A 82 1.23 -21.27 -4.96
CA ASP A 82 0.05 -21.43 -4.12
C ASP A 82 0.38 -21.12 -2.66
N LEU A 83 1.64 -21.31 -2.26
CA LEU A 83 2.05 -20.86 -0.94
C LEU A 83 2.03 -19.34 -0.83
N LEU A 84 2.11 -18.65 -1.96
CA LEU A 84 2.21 -17.20 -1.98
C LEU A 84 0.86 -16.55 -1.71
N ILE A 85 -0.23 -17.18 -2.11
CA ILE A 85 -1.55 -16.56 -2.12
C ILE A 85 -2.30 -16.93 -0.85
N MET A 86 -2.74 -15.92 -0.11
CA MET A 86 -3.51 -16.09 1.09
C MET A 86 -4.96 -15.67 0.86
N ASP A 87 -5.84 -16.11 1.76
CA ASP A 87 -7.28 -15.93 1.54
C ASP A 87 -7.83 -14.70 2.26
N ASP A 88 -6.99 -13.98 2.99
CA ASP A 88 -7.38 -12.73 3.62
C ASP A 88 -6.42 -11.65 3.18
N VAL A 89 -6.96 -10.49 2.81
CA VAL A 89 -6.14 -9.42 2.26
C VAL A 89 -5.27 -8.80 3.36
N GLU A 90 -5.85 -8.49 4.51
CA GLU A 90 -5.07 -7.89 5.59
C GLU A 90 -3.98 -8.83 6.08
N ALA A 91 -4.24 -10.14 6.04
CA ALA A 91 -3.21 -11.10 6.41
C ALA A 91 -2.10 -11.16 5.36
N ALA A 92 -2.46 -11.10 4.09
CA ALA A 92 -1.45 -11.06 3.04
C ALA A 92 -0.64 -9.76 3.11
N ARG A 93 -1.31 -8.63 3.33
CA ARG A 93 -0.60 -7.37 3.40
C ARG A 93 0.39 -7.36 4.56
N ALA A 94 -0.02 -7.86 5.72
CA ALA A 94 0.86 -7.88 6.88
C ALA A 94 2.03 -8.85 6.69
N ALA A 95 1.77 -10.02 6.08
CA ALA A 95 2.88 -10.94 5.80
C ALA A 95 3.88 -10.32 4.84
N HIS A 96 3.39 -9.67 3.78
CA HIS A 96 4.28 -9.01 2.85
C HIS A 96 5.06 -7.91 3.55
N ALA A 97 4.36 -7.06 4.31
CA ALA A 97 5.02 -5.97 5.01
C ALA A 97 6.11 -6.49 5.95
N GLU A 98 5.88 -7.63 6.59
CA GLU A 98 6.88 -8.13 7.52
C GLU A 98 8.11 -8.64 6.78
N LEU A 99 7.90 -9.33 5.65
CA LEU A 99 9.02 -9.81 4.83
C LEU A 99 9.93 -8.66 4.46
N ARG A 100 9.36 -7.55 3.98
CA ARG A 100 10.16 -6.40 3.58
C ARG A 100 10.84 -5.76 4.78
N THR A 101 10.14 -5.68 5.92
CA THR A 101 10.74 -5.10 7.11
C THR A 101 11.93 -5.91 7.57
N LEU A 102 11.81 -7.24 7.52
CA LEU A 102 12.91 -8.12 7.91
C LEU A 102 14.10 -8.01 6.96
N LEU A 103 13.84 -7.94 5.65
CA LEU A 103 14.89 -8.16 4.66
C LEU A 103 15.50 -6.89 4.11
N THR A 104 14.73 -5.80 4.01
CA THR A 104 15.26 -4.54 3.49
C THR A 104 16.52 -4.06 4.20
N PRO A 105 16.65 -4.15 5.52
CA PRO A 105 17.93 -3.73 6.14
C PRO A 105 19.12 -4.59 5.70
N GLN A 106 18.89 -5.87 5.41
CA GLN A 106 19.97 -6.75 4.97
C GLN A 106 20.64 -6.27 3.69
N PHE A 107 19.94 -5.48 2.86
CA PHE A 107 20.43 -5.11 1.55
C PHE A 107 20.59 -3.61 1.39
N SER A 108 20.76 -2.88 2.50
CA SER A 108 21.09 -1.46 2.42
C SER A 108 22.42 -1.29 1.67
N ALA A 109 22.65 -0.06 1.21
CA ALA A 109 23.90 0.21 0.51
C ALA A 109 25.09 -0.14 1.39
N ARG A 110 25.00 0.15 2.68
CA ARG A 110 26.10 -0.15 3.59
C ARG A 110 26.37 -1.65 3.67
N ARG A 111 25.32 -2.45 3.90
CA ARG A 111 25.57 -3.88 4.06
C ARG A 111 26.04 -4.53 2.76
N VAL A 112 25.54 -4.04 1.61
CA VAL A 112 25.99 -4.60 0.34
C VAL A 112 27.46 -4.30 0.10
N LEU A 113 27.89 -3.09 0.46
CA LEU A 113 29.29 -2.73 0.38
C LEU A 113 30.14 -3.72 1.17
N ASN A 114 29.66 -4.14 2.33
CA ASN A 114 30.36 -5.11 3.15
C ASN A 114 30.38 -6.50 2.52
N MET A 115 29.61 -6.75 1.47
CA MET A 115 29.65 -8.04 0.80
C MET A 115 30.68 -8.10 -0.33
N MET A 116 31.18 -6.96 -0.80
CA MET A 116 32.08 -6.92 -1.96
C MET A 116 33.27 -7.87 -1.87
N PRO A 117 34.04 -7.92 -0.77
CA PRO A 117 35.21 -8.84 -0.74
C PRO A 117 34.81 -10.30 -0.88
N MET A 118 33.76 -10.70 -0.17
CA MET A 118 33.22 -12.05 -0.31
C MET A 118 32.83 -12.34 -1.76
N VAL A 119 32.10 -11.42 -2.40
CA VAL A 119 31.64 -11.69 -3.76
C VAL A 119 32.82 -11.77 -4.72
N GLU A 120 33.75 -10.81 -4.62
CA GLU A 120 34.90 -10.80 -5.53
C GLU A 120 35.80 -12.00 -5.29
N GLY A 121 35.91 -12.44 -4.04
CA GLY A 121 36.77 -13.56 -3.73
C GLY A 121 36.20 -14.88 -4.24
N ILE A 122 34.88 -15.03 -4.19
CA ILE A 122 34.27 -16.26 -4.68
C ILE A 122 34.31 -16.31 -6.20
N ALA A 123 34.09 -15.14 -6.83
CA ALA A 123 34.20 -15.05 -8.28
C ALA A 123 35.60 -15.44 -8.75
N GLU A 124 36.63 -15.02 -8.01
CA GLU A 124 37.99 -15.30 -8.47
C GLU A 124 38.32 -16.79 -8.35
N GLN A 125 37.92 -17.44 -7.24
CA GLN A 125 38.17 -18.87 -7.07
C GLN A 125 37.46 -19.70 -8.14
N ILE A 126 36.20 -19.37 -8.45
CA ILE A 126 35.45 -20.09 -9.48
C ILE A 126 36.01 -19.80 -10.86
N LEU A 127 36.37 -18.54 -11.10
CA LEU A 127 36.96 -18.17 -12.39
C LEU A 127 38.32 -18.86 -12.58
N ASN A 128 39.13 -18.94 -11.52
CA ASN A 128 40.37 -19.71 -11.60
C ASN A 128 40.12 -21.09 -12.16
N GLY A 129 39.11 -21.78 -11.62
CA GLY A 129 38.82 -23.12 -12.12
C GLY A 129 38.23 -23.10 -13.51
N PHE A 130 37.38 -22.12 -13.80
CA PHE A 130 36.70 -22.09 -15.09
C PHE A 130 37.67 -21.89 -16.24
N ALA A 131 38.68 -21.03 -16.06
CA ALA A 131 39.62 -20.73 -17.14
C ALA A 131 40.40 -21.97 -17.59
N ALA A 132 40.43 -23.01 -16.76
CA ALA A 132 41.18 -24.24 -17.03
C ALA A 132 40.30 -25.36 -17.60
N GLN A 133 39.00 -25.12 -17.78
CA GLN A 133 38.13 -26.19 -18.26
C GLN A 133 38.43 -26.48 -19.73
N GLU A 134 38.13 -27.71 -20.15
CA GLU A 134 38.26 -28.07 -21.54
C GLU A 134 37.27 -27.25 -22.38
N GLN A 135 37.72 -26.80 -23.50
CA GLN A 135 36.92 -25.93 -24.35
C GLN A 135 36.32 -26.68 -25.54
N PRO A 136 35.12 -26.29 -26.01
CA PRO A 136 34.24 -25.27 -25.43
C PRO A 136 33.66 -25.71 -24.09
N ALA A 137 33.36 -24.76 -23.22
CA ALA A 137 32.87 -25.11 -21.90
C ALA A 137 31.60 -24.33 -21.59
N ASP A 138 30.72 -24.96 -20.83
CA ASP A 138 29.43 -24.34 -20.49
C ASP A 138 29.65 -23.31 -19.39
N LEU A 139 29.46 -22.04 -19.74
CA LEU A 139 29.66 -20.98 -18.77
C LEU A 139 28.62 -21.03 -17.66
N ARG A 140 27.44 -21.60 -17.92
CA ARG A 140 26.40 -21.61 -16.91
C ARG A 140 26.70 -22.64 -15.81
N GLY A 141 27.00 -23.88 -16.18
CA GLY A 141 27.27 -24.87 -15.17
C GLY A 141 28.62 -24.69 -14.51
N ASN A 142 29.60 -24.15 -15.23
CA ASN A 142 30.96 -24.06 -14.71
C ASN A 142 31.25 -22.73 -14.05
N PHE A 143 30.43 -21.70 -14.30
CA PHE A 143 30.70 -20.44 -13.65
C PHE A 143 29.45 -19.84 -13.01
N SER A 144 28.45 -19.45 -13.82
CA SER A 144 27.40 -18.57 -13.31
C SER A 144 26.56 -19.24 -12.23
N LEU A 145 26.21 -20.52 -12.38
CA LEU A 145 25.47 -21.19 -11.31
C LEU A 145 26.29 -21.40 -10.04
N PRO A 146 27.52 -21.93 -10.08
CA PRO A 146 28.30 -22.04 -8.84
C PRO A 146 28.60 -20.70 -8.21
N TYR A 147 28.81 -19.67 -9.02
CA TYR A 147 29.02 -18.32 -8.52
C TYR A 147 27.80 -17.82 -7.75
N SER A 148 26.63 -17.88 -8.38
CA SER A 148 25.41 -17.40 -7.76
C SER A 148 25.09 -18.20 -6.50
N LEU A 149 25.19 -19.53 -6.58
CA LEU A 149 24.88 -20.38 -5.42
C LEU A 149 25.82 -20.10 -4.25
N THR A 150 27.12 -19.97 -4.52
CA THR A 150 28.08 -19.82 -3.42
C THR A 150 27.97 -18.45 -2.74
N VAL A 151 27.79 -17.37 -3.52
CA VAL A 151 27.57 -16.05 -2.92
C VAL A 151 26.29 -16.06 -2.08
N LEU A 152 25.20 -16.58 -2.63
CA LEU A 152 23.93 -16.47 -1.92
C LEU A 152 23.94 -17.31 -0.65
N CYS A 153 24.51 -18.52 -0.72
CA CYS A 153 24.65 -19.32 0.49
C CYS A 153 25.53 -18.65 1.54
N ALA A 154 26.63 -18.03 1.10
CA ALA A 154 27.49 -17.33 2.07
C ALA A 154 26.76 -16.19 2.75
N LEU A 155 25.99 -15.39 1.98
CA LEU A 155 25.30 -14.25 2.57
C LEU A 155 24.18 -14.69 3.50
N ILE A 156 23.41 -15.70 3.10
CA ILE A 156 22.29 -16.20 3.89
C ILE A 156 22.78 -16.95 5.12
N GLY A 157 23.91 -17.62 5.03
CA GLY A 157 24.43 -18.40 6.12
C GLY A 157 24.25 -19.90 5.98
N ILE A 158 24.25 -20.41 4.76
CA ILE A 158 24.06 -21.84 4.52
C ILE A 158 25.42 -22.50 4.44
N PRO A 159 25.74 -23.47 5.30
CA PRO A 159 27.09 -24.03 5.33
C PRO A 159 27.53 -24.64 4.01
N LEU A 160 28.80 -24.41 3.66
CA LEU A 160 29.42 -25.12 2.56
C LEU A 160 29.21 -26.62 2.67
N GLN A 161 29.26 -27.14 3.90
CA GLN A 161 29.06 -28.56 4.16
C GLN A 161 27.66 -29.05 3.82
N GLU A 162 26.69 -28.15 3.61
CA GLU A 162 25.31 -28.53 3.39
C GLU A 162 24.80 -28.09 2.03
N GLN A 163 25.66 -27.58 1.15
CA GLN A 163 25.23 -27.02 -0.12
C GLN A 163 25.05 -28.08 -1.21
N GLY A 164 25.55 -29.30 -0.99
CA GLY A 164 25.62 -30.29 -2.06
C GLY A 164 24.27 -30.57 -2.73
N GLN A 165 23.21 -30.59 -1.95
CA GLN A 165 21.88 -30.96 -2.45
C GLN A 165 21.07 -29.77 -2.95
N LEU A 166 21.62 -28.55 -2.93
CA LEU A 166 20.78 -27.37 -3.14
C LEU A 166 20.44 -27.14 -4.60
N LEU A 167 21.39 -27.31 -5.50
CA LEU A 167 21.13 -27.07 -6.92
C LEU A 167 20.05 -28.00 -7.44
N ALA A 168 19.97 -29.22 -6.89
CA ALA A 168 18.92 -30.16 -7.28
C ALA A 168 17.56 -29.73 -6.75
N VAL A 169 17.50 -29.28 -5.49
CA VAL A 169 16.22 -28.92 -4.89
C VAL A 169 15.71 -27.59 -5.43
N LEU A 170 16.61 -26.62 -5.66
CA LEU A 170 16.18 -25.34 -6.21
C LEU A 170 15.73 -25.49 -7.66
N GLY A 171 16.40 -26.33 -8.43
CA GLY A 171 15.99 -26.55 -9.80
C GLY A 171 14.64 -27.23 -9.90
N GLU A 172 14.42 -28.25 -9.07
CA GLU A 172 13.15 -28.95 -9.06
C GLU A 172 12.01 -28.00 -8.69
N MET A 173 12.22 -27.13 -7.70
CA MET A 173 11.21 -26.18 -7.30
C MET A 173 10.75 -25.27 -8.44
N ALA A 174 11.54 -25.16 -9.51
CA ALA A 174 11.21 -24.34 -10.67
C ALA A 174 10.37 -25.08 -11.70
N THR A 175 10.08 -26.35 -11.48
CA THR A 175 9.41 -27.18 -12.47
C THR A 175 7.92 -26.83 -12.56
N LEU A 176 7.42 -26.72 -13.78
CA LEU A 176 5.99 -26.57 -14.03
C LEU A 176 5.37 -27.86 -14.53
N ASN A 177 6.17 -28.92 -14.55
CA ASN A 177 5.88 -30.18 -15.20
C ASN A 177 5.39 -31.28 -14.25
N ASP A 178 5.52 -31.07 -12.94
N ASP A 178 5.52 -31.07 -12.94
CA ASP A 178 5.26 -32.13 -11.95
CA ASP A 178 5.26 -32.13 -11.95
C ASP A 178 4.92 -31.45 -10.63
C ASP A 178 4.92 -31.45 -10.63
N ALA A 179 3.62 -31.32 -10.35
CA ALA A 179 3.17 -30.56 -9.18
C ALA A 179 3.65 -31.18 -7.86
N GLU A 180 3.62 -32.51 -7.74
CA GLU A 180 4.00 -33.10 -6.47
C GLU A 180 5.51 -33.12 -6.24
N SER A 181 6.31 -33.06 -7.31
CA SER A 181 7.76 -32.96 -7.13
C SER A 181 8.16 -31.58 -6.65
N VAL A 182 7.40 -30.55 -7.01
CA VAL A 182 7.69 -29.21 -6.51
C VAL A 182 7.37 -29.11 -5.02
N ALA A 183 6.22 -29.62 -4.61
CA ALA A 183 5.80 -29.41 -3.23
C ALA A 183 6.72 -30.09 -2.24
N ARG A 184 7.26 -31.26 -2.59
CA ARG A 184 8.12 -31.94 -1.64
C ARG A 184 9.55 -31.42 -1.69
N SER A 185 9.97 -30.87 -2.83
CA SER A 185 11.24 -30.14 -2.86
C SER A 185 11.14 -28.85 -2.04
N GLN A 186 10.00 -28.16 -2.13
CA GLN A 186 9.79 -26.96 -1.34
C GLN A 186 9.86 -27.27 0.16
N ALA A 187 9.29 -28.39 0.59
CA ALA A 187 9.31 -28.74 2.01
C ALA A 187 10.69 -29.18 2.46
N LYS A 188 11.39 -29.95 1.62
CA LYS A 188 12.78 -30.29 1.89
C LYS A 188 13.60 -29.03 2.15
N LEU A 189 13.41 -28.02 1.30
CA LEU A 189 14.19 -26.79 1.42
C LEU A 189 13.75 -25.97 2.63
N PHE A 190 12.44 -25.85 2.85
CA PHE A 190 11.95 -25.15 4.03
C PHE A 190 12.37 -25.86 5.29
N GLY A 191 12.31 -27.19 5.29
CA GLY A 191 12.75 -27.96 6.45
C GLY A 191 14.23 -27.84 6.70
N LEU A 192 15.04 -27.95 5.63
CA LEU A 192 16.49 -27.78 5.80
C LEU A 192 16.82 -26.44 6.46
N LEU A 193 16.15 -25.38 6.05
CA LEU A 193 16.54 -24.06 6.53
C LEU A 193 15.90 -23.68 7.85
N THR A 194 14.73 -24.23 8.18
CA THR A 194 14.22 -24.05 9.53
C THR A 194 15.09 -24.79 10.54
N ASP A 195 15.45 -26.04 10.23
CA ASP A 195 16.46 -26.74 11.03
C ASP A 195 17.73 -25.89 11.18
N LEU A 196 18.23 -25.36 10.07
CA LEU A 196 19.43 -24.53 10.10
C LEU A 196 19.23 -23.30 10.97
N ALA A 197 18.05 -22.70 10.93
CA ALA A 197 17.80 -21.49 11.71
C ALA A 197 17.93 -21.76 13.21
N GLY A 198 17.43 -22.90 13.66
CA GLY A 198 17.62 -23.27 15.06
C GLY A 198 19.08 -23.41 15.43
N ARG A 199 19.89 -24.00 14.54
CA ARG A 199 21.32 -24.14 14.83
C ARG A 199 22.01 -22.78 14.86
N LYS A 200 21.67 -21.87 13.94
CA LYS A 200 22.35 -20.57 13.96
C LYS A 200 21.82 -19.67 15.07
N ARG A 201 20.59 -19.89 15.54
CA ARG A 201 20.15 -19.21 16.75
C ARG A 201 21.09 -19.53 17.92
N ALA A 202 21.37 -20.82 18.13
CA ALA A 202 22.31 -21.23 19.16
C ALA A 202 23.72 -20.70 18.89
N GLU A 203 24.17 -20.77 17.64
CA GLU A 203 25.51 -20.33 17.27
C GLU A 203 25.42 -19.35 16.09
N PRO A 204 25.25 -18.06 16.37
CA PRO A 204 25.08 -17.08 15.30
C PRO A 204 26.38 -16.71 14.62
N GLY A 205 26.31 -16.51 13.31
CA GLY A 205 27.39 -15.95 12.54
C GLY A 205 26.97 -14.68 11.84
N ASP A 206 27.91 -14.12 11.08
CA ASP A 206 27.68 -12.89 10.33
C ASP A 206 26.99 -13.24 9.01
N ASP A 207 25.67 -13.34 9.05
CA ASP A 207 24.88 -13.77 7.91
C ASP A 207 23.42 -13.39 8.14
N VAL A 208 22.60 -13.57 7.11
CA VAL A 208 21.21 -13.12 7.17
C VAL A 208 20.40 -13.98 8.13
N ILE A 209 20.54 -15.31 8.08
CA ILE A 209 19.75 -16.16 8.97
C ILE A 209 19.99 -15.77 10.42
N SER A 210 21.23 -15.43 10.78
CA SER A 210 21.51 -15.09 12.16
C SER A 210 20.87 -13.76 12.54
N ARG A 211 20.90 -12.78 11.62
CA ARG A 211 20.29 -11.48 11.93
C ARG A 211 18.76 -11.58 12.00
N LEU A 212 18.16 -12.47 11.21
CA LEU A 212 16.72 -12.69 11.35
C LEU A 212 16.37 -13.33 12.69
N CYS A 213 17.28 -14.13 13.25
CA CYS A 213 17.03 -14.75 14.55
C CYS A 213 16.84 -13.70 15.63
N GLU A 214 17.59 -12.60 15.55
CA GLU A 214 17.49 -11.52 16.52
C GLU A 214 16.06 -10.98 16.62
N THR A 215 15.37 -10.89 15.49
CA THR A 215 14.06 -10.26 15.45
C THR A 215 12.92 -11.27 15.36
N VAL A 216 13.17 -12.45 14.82
CA VAL A 216 12.16 -13.48 14.57
C VAL A 216 12.47 -14.65 15.50
N PRO A 217 11.65 -14.94 16.50
CA PRO A 217 11.95 -16.03 17.45
C PRO A 217 11.48 -17.41 17.00
N GLU A 218 10.77 -17.56 15.88
CA GLU A 218 10.24 -18.84 15.46
C GLU A 218 11.02 -19.37 14.26
N ASP A 219 11.68 -20.52 14.44
CA ASP A 219 12.51 -21.08 13.37
C ASP A 219 11.66 -21.42 12.14
N GLU A 220 10.45 -21.93 12.37
CA GLU A 220 9.59 -22.39 11.29
C GLU A 220 9.16 -21.27 10.35
N ARG A 221 9.34 -20.01 10.74
CA ARG A 221 9.09 -18.91 9.83
C ARG A 221 10.36 -18.20 9.35
N ILE A 222 11.53 -18.52 9.92
CA ILE A 222 12.78 -18.02 9.35
C ILE A 222 13.16 -18.84 8.12
N GLY A 223 12.94 -20.14 8.18
CA GLY A 223 13.35 -21.05 7.13
C GLY A 223 12.75 -20.74 5.77
N PRO A 224 11.42 -20.60 5.72
CA PRO A 224 10.78 -20.22 4.44
C PRO A 224 11.24 -18.86 3.92
N ILE A 225 11.59 -17.91 4.77
CA ILE A 225 12.06 -16.62 4.30
C ILE A 225 13.45 -16.77 3.69
N ALA A 226 14.33 -17.54 4.34
CA ALA A 226 15.66 -17.75 3.78
C ALA A 226 15.61 -18.62 2.54
N ALA A 227 14.73 -19.62 2.51
CA ALA A 227 14.57 -20.44 1.32
C ALA A 227 14.08 -19.61 0.14
N SER A 228 13.10 -18.74 0.36
CA SER A 228 12.58 -17.96 -0.76
C SER A 228 13.59 -16.87 -1.17
N LEU A 229 14.40 -16.39 -0.22
CA LEU A 229 15.54 -15.54 -0.59
C LEU A 229 16.49 -16.26 -1.54
N LEU A 230 16.82 -17.52 -1.24
CA LEU A 230 17.76 -18.25 -2.10
C LEU A 230 17.14 -18.53 -3.46
N PHE A 231 15.88 -18.92 -3.48
CA PHE A 231 15.20 -19.21 -4.75
C PHE A 231 15.01 -17.93 -5.57
N ALA A 232 14.78 -16.80 -4.90
CA ALA A 232 14.56 -15.54 -5.61
C ALA A 232 15.81 -15.09 -6.35
N GLY A 233 16.99 -15.36 -5.80
CA GLY A 233 18.21 -14.84 -6.38
C GLY A 233 18.97 -15.77 -7.31
N LEU A 234 18.90 -17.08 -7.07
CA LEU A 234 19.87 -18.00 -7.66
C LEU A 234 19.82 -17.96 -9.19
N ASP A 235 18.67 -18.31 -9.78
CA ASP A 235 18.59 -18.43 -11.24
C ASP A 235 18.64 -17.08 -11.91
N SER A 236 17.94 -16.10 -11.34
CA SER A 236 17.87 -14.78 -11.98
C SER A 236 19.26 -14.18 -12.13
N VAL A 237 20.06 -14.22 -11.06
CA VAL A 237 21.42 -13.69 -11.17
C VAL A 237 22.23 -14.53 -12.16
N ALA A 238 22.10 -15.86 -12.11
CA ALA A 238 22.92 -16.70 -12.99
C ALA A 238 22.55 -16.48 -14.44
N THR A 239 21.25 -16.40 -14.75
CA THR A 239 20.80 -16.17 -16.12
C THR A 239 21.27 -14.84 -16.65
N HIS A 240 21.37 -13.82 -15.79
CA HIS A 240 21.81 -12.54 -16.29
C HIS A 240 23.32 -12.47 -16.45
N VAL A 241 24.08 -13.24 -15.67
CA VAL A 241 25.49 -13.41 -16.03
C VAL A 241 25.61 -14.00 -17.44
N ASP A 242 24.90 -15.11 -17.69
CA ASP A 242 24.92 -15.80 -18.98
C ASP A 242 24.56 -14.87 -20.14
N LEU A 243 23.36 -14.28 -20.10
CA LEU A 243 22.92 -13.46 -21.22
C LEU A 243 23.70 -12.16 -21.31
N GLY A 244 24.12 -11.62 -20.17
CA GLY A 244 25.05 -10.49 -20.22
C GLY A 244 26.33 -10.83 -20.95
N VAL A 245 26.86 -12.05 -20.72
CA VAL A 245 28.05 -12.49 -21.46
C VAL A 245 27.74 -12.62 -22.95
N VAL A 246 26.59 -13.17 -23.32
CA VAL A 246 26.22 -13.23 -24.73
C VAL A 246 26.21 -11.84 -25.34
N LEU A 247 25.48 -10.89 -24.72
CA LEU A 247 25.42 -9.53 -25.28
C LEU A 247 26.82 -8.95 -25.47
N PHE A 248 27.68 -9.10 -24.46
CA PHE A 248 29.00 -8.50 -24.56
C PHE A 248 29.88 -9.18 -25.62
N THR A 249 29.68 -10.48 -25.90
CA THR A 249 30.38 -11.08 -27.02
C THR A 249 29.82 -10.63 -28.36
N GLN A 250 28.59 -10.12 -28.39
CA GLN A 250 28.03 -9.64 -29.65
C GLN A 250 28.34 -8.18 -29.92
N TYR A 251 28.66 -7.42 -28.88
CA TYR A 251 29.03 -6.01 -29.01
C TYR A 251 30.37 -5.80 -28.32
N PRO A 252 31.45 -6.39 -28.86
CA PRO A 252 32.74 -6.33 -28.17
C PRO A 252 33.27 -4.93 -28.01
N ASP A 253 32.86 -3.99 -28.87
CA ASP A 253 33.30 -2.61 -28.74
C ASP A 253 32.72 -1.98 -27.48
N GLN A 254 31.45 -2.29 -27.18
CA GLN A 254 30.83 -1.81 -25.95
C GLN A 254 31.40 -2.51 -24.73
N LEU A 255 31.78 -3.80 -24.87
CA LEU A 255 32.45 -4.47 -23.76
C LEU A 255 33.76 -3.78 -23.42
N LYS A 256 34.55 -3.47 -24.45
CA LYS A 256 35.86 -2.88 -24.17
C LYS A 256 35.73 -1.52 -23.50
N GLU A 257 34.79 -0.70 -23.93
CA GLU A 257 34.66 0.59 -23.25
C GLU A 257 34.08 0.44 -21.84
N ALA A 258 33.24 -0.58 -21.61
CA ALA A 258 32.76 -0.82 -20.26
C ALA A 258 33.89 -1.24 -19.33
N LEU A 259 34.82 -2.07 -19.83
CA LEU A 259 36.00 -2.43 -19.03
C LEU A 259 36.87 -1.21 -18.73
N ALA A 260 36.85 -0.21 -19.61
CA ALA A 260 37.73 0.95 -19.48
C ALA A 260 37.18 2.03 -18.53
N ASP A 261 35.86 2.12 -18.33
CA ASP A 261 35.29 3.18 -17.51
C ASP A 261 34.24 2.58 -16.59
N GLU A 262 34.38 2.79 -15.28
CA GLU A 262 33.45 2.19 -14.34
C GLU A 262 32.04 2.74 -14.51
N LYS A 263 31.91 3.97 -15.00
CA LYS A 263 30.57 4.52 -15.25
C LYS A 263 29.86 3.75 -16.34
N LEU A 264 30.61 3.32 -17.36
CA LEU A 264 30.01 2.58 -18.46
C LEU A 264 29.81 1.10 -18.15
N MET A 265 30.58 0.54 -17.22
CA MET A 265 30.27 -0.80 -16.77
C MET A 265 28.98 -0.81 -15.95
N ARG A 266 28.77 0.23 -15.12
CA ARG A 266 27.53 0.32 -14.38
C ARG A 266 26.34 0.51 -15.31
N SER A 267 26.45 1.40 -16.29
CA SER A 267 25.31 1.56 -17.19
C SER A 267 25.19 0.37 -18.14
N GLY A 268 26.30 -0.33 -18.42
CA GLY A 268 26.21 -1.57 -19.16
C GLY A 268 25.43 -2.65 -18.42
N VAL A 269 25.61 -2.74 -17.09
CA VAL A 269 24.84 -3.69 -16.30
C VAL A 269 23.36 -3.32 -16.31
N GLU A 270 23.05 -2.02 -16.28
CA GLU A 270 21.66 -1.59 -16.40
C GLU A 270 21.07 -1.97 -17.75
N GLU A 271 21.86 -1.87 -18.82
CA GLU A 271 21.35 -2.22 -20.13
C GLU A 271 21.24 -3.74 -20.30
N ILE A 272 22.01 -4.50 -19.52
CA ILE A 272 21.84 -5.94 -19.47
C ILE A 272 20.58 -6.28 -18.68
N LEU A 273 20.39 -5.61 -17.54
CA LEU A 273 19.15 -5.77 -16.80
C LEU A 273 17.95 -5.39 -17.65
N ARG A 274 18.11 -4.44 -18.58
CA ARG A 274 16.96 -4.06 -19.40
C ARG A 274 16.70 -5.07 -20.51
N ALA A 275 17.75 -5.61 -21.13
CA ALA A 275 17.59 -6.30 -22.41
C ALA A 275 18.09 -7.75 -22.43
N ALA A 276 18.88 -8.20 -21.46
CA ALA A 276 19.49 -9.53 -21.53
C ALA A 276 18.43 -10.55 -21.13
N LYS A 277 17.53 -10.83 -22.07
CA LYS A 277 16.33 -11.59 -21.80
C LYS A 277 16.18 -12.73 -22.79
N ALA A 278 15.58 -13.83 -22.33
CA ALA A 278 15.28 -14.94 -23.22
C ALA A 278 14.33 -14.54 -24.32
N GLY A 279 13.54 -13.49 -24.10
CA GLY A 279 12.57 -13.02 -25.07
C GLY A 279 11.16 -13.53 -24.84
N GLY A 280 10.98 -14.46 -23.91
CA GLY A 280 9.66 -14.97 -23.57
C GLY A 280 8.97 -14.13 -22.53
N SER A 281 7.91 -14.70 -21.96
CA SER A 281 7.08 -13.99 -20.99
C SER A 281 7.88 -13.56 -19.76
N GLY A 282 7.78 -12.28 -19.41
CA GLY A 282 8.53 -11.74 -18.30
C GLY A 282 7.78 -11.59 -16.98
N ALA A 283 6.52 -12.01 -16.91
CA ALA A 283 5.77 -11.91 -15.66
C ALA A 283 6.28 -12.94 -14.65
N ALA A 284 6.45 -12.52 -13.40
CA ALA A 284 7.07 -13.37 -12.38
C ALA A 284 6.05 -14.01 -11.46
N LEU A 285 5.26 -13.21 -10.75
CA LEU A 285 4.33 -13.77 -9.79
C LEU A 285 2.92 -13.30 -10.09
N PRO A 286 1.91 -14.08 -9.71
CA PRO A 286 0.53 -13.61 -9.86
C PRO A 286 0.21 -12.52 -8.85
N ARG A 287 -0.70 -11.65 -9.25
CA ARG A 287 -1.32 -10.65 -8.41
C ARG A 287 -2.80 -10.71 -8.69
N TYR A 288 -3.61 -10.41 -7.68
CA TYR A 288 -5.06 -10.42 -7.83
C TYR A 288 -5.62 -9.09 -7.39
N ALA A 289 -6.60 -8.60 -8.14
CA ALA A 289 -7.32 -7.40 -7.72
C ALA A 289 -8.13 -7.68 -6.47
N THR A 290 -7.98 -6.84 -5.46
CA THR A 290 -8.81 -6.90 -4.25
C THR A 290 -10.03 -6.01 -4.35
N ASP A 291 -10.03 -5.08 -5.29
CA ASP A 291 -11.19 -4.29 -5.68
C ASP A 291 -11.13 -4.09 -7.19
N ASP A 292 -12.21 -3.56 -7.75
CA ASP A 292 -12.21 -3.20 -9.16
C ASP A 292 -11.23 -2.06 -9.41
N ILE A 293 -10.46 -2.16 -10.49
CA ILE A 293 -9.53 -1.12 -10.93
C ILE A 293 -9.90 -0.68 -12.34
N GLU A 294 -10.07 0.63 -12.53
CA GLU A 294 -10.31 1.21 -13.84
C GLU A 294 -8.98 1.70 -14.40
N ILE A 295 -8.63 1.23 -15.61
CA ILE A 295 -7.37 1.65 -16.21
C ILE A 295 -7.35 1.28 -17.69
N ALA A 296 -6.71 2.12 -18.50
CA ALA A 296 -6.48 1.85 -19.92
C ALA A 296 -7.73 1.34 -20.61
N ASP A 297 -8.86 1.98 -20.30
CA ASP A 297 -10.14 1.68 -20.94
C ASP A 297 -10.58 0.26 -20.66
N VAL A 298 -10.16 -0.30 -19.54
CA VAL A 298 -10.55 -1.65 -19.19
C VAL A 298 -10.93 -1.67 -17.72
N THR A 299 -11.65 -2.70 -17.31
CA THR A 299 -12.02 -2.84 -15.90
C THR A 299 -11.56 -4.19 -15.39
N ILE A 300 -10.55 -4.16 -14.54
CA ILE A 300 -10.12 -5.33 -13.78
C ILE A 300 -11.08 -5.54 -12.61
N ARG A 301 -11.58 -6.75 -12.46
CA ARG A 301 -12.55 -7.06 -11.42
C ARG A 301 -11.92 -7.77 -10.23
N THR A 302 -12.49 -7.52 -9.05
CA THR A 302 -12.12 -8.24 -7.84
C THR A 302 -11.93 -9.71 -8.14
N GLY A 303 -10.79 -10.26 -7.74
CA GLY A 303 -10.48 -11.64 -7.98
C GLY A 303 -9.75 -11.94 -9.27
N ASP A 304 -9.71 -11.00 -10.22
CA ASP A 304 -8.99 -11.21 -11.48
C ASP A 304 -7.50 -11.35 -11.26
N LEU A 305 -6.87 -12.16 -12.09
CA LEU A 305 -5.42 -12.30 -12.12
C LEU A 305 -4.81 -11.18 -12.97
N VAL A 306 -3.78 -10.53 -12.45
CA VAL A 306 -3.07 -9.49 -13.17
C VAL A 306 -1.59 -9.86 -13.24
N LEU A 307 -1.03 -9.88 -14.46
CA LEU A 307 0.37 -10.25 -14.67
C LEU A 307 1.17 -9.02 -15.08
N LEU A 308 2.11 -8.60 -14.25
CA LEU A 308 2.95 -7.45 -14.59
C LEU A 308 4.20 -7.98 -15.28
N ASP A 309 4.32 -7.72 -16.58
CA ASP A 309 5.42 -8.28 -17.38
C ASP A 309 6.56 -7.26 -17.40
N PHE A 310 7.51 -7.43 -16.50
CA PHE A 310 8.59 -6.47 -16.38
C PHE A 310 9.50 -6.47 -17.60
N THR A 311 9.69 -7.64 -18.21
CA THR A 311 10.54 -7.72 -19.40
C THR A 311 9.91 -6.99 -20.58
N LEU A 312 8.61 -7.22 -20.80
CA LEU A 312 7.94 -6.71 -21.99
C LEU A 312 7.95 -5.18 -22.02
N VAL A 313 7.69 -4.53 -20.88
CA VAL A 313 7.68 -3.06 -20.88
C VAL A 313 9.07 -2.48 -21.10
N ASN A 314 10.13 -3.25 -20.89
CA ASN A 314 11.48 -2.77 -21.15
C ASN A 314 11.75 -2.56 -22.62
N PHE A 315 10.84 -2.98 -23.51
CA PHE A 315 11.00 -2.78 -24.94
C PHE A 315 9.91 -1.86 -25.50
N ASP A 316 9.28 -1.07 -24.62
CA ASP A 316 8.21 -0.17 -24.99
C ASP A 316 8.80 1.05 -25.71
N GLU A 317 8.48 1.21 -27.00
CA GLU A 317 9.16 2.24 -27.80
C GLU A 317 8.77 3.65 -27.39
N ALA A 318 7.66 3.82 -26.68
CA ALA A 318 7.29 5.14 -26.17
C ALA A 318 8.28 5.62 -25.12
N VAL A 319 9.09 4.72 -24.56
CA VAL A 319 10.03 5.05 -23.50
C VAL A 319 11.47 4.86 -23.94
N PHE A 320 11.76 3.85 -24.75
CA PHE A 320 13.12 3.49 -25.13
C PHE A 320 13.32 3.71 -26.63
N ASP A 321 14.22 4.60 -27.00
CA ASP A 321 14.57 4.76 -28.39
C ASP A 321 15.28 3.51 -28.89
N ASP A 322 14.84 2.98 -30.04
CA ASP A 322 15.42 1.80 -30.67
C ASP A 322 15.56 0.66 -29.65
N ALA A 323 14.41 0.22 -29.14
CA ALA A 323 14.40 -0.57 -27.92
C ALA A 323 15.07 -1.93 -28.10
N ASP A 324 15.11 -2.46 -29.33
CA ASP A 324 15.75 -3.76 -29.52
C ASP A 324 17.27 -3.65 -29.51
N LEU A 325 17.80 -2.44 -29.57
CA LEU A 325 19.24 -2.24 -29.70
C LEU A 325 19.92 -2.27 -28.34
N PHE A 326 21.03 -3.01 -28.25
CA PHE A 326 21.84 -3.01 -27.04
C PHE A 326 22.76 -1.81 -27.05
N ASP A 327 22.59 -0.90 -26.09
CA ASP A 327 23.36 0.35 -26.04
C ASP A 327 23.62 0.70 -24.59
N ILE A 328 24.86 0.48 -24.12
CA ILE A 328 25.15 0.69 -22.70
C ILE A 328 25.16 2.16 -22.30
N ARG A 329 25.06 3.09 -23.26
CA ARG A 329 25.02 4.51 -22.93
C ARG A 329 23.62 5.05 -22.62
N ARG A 330 22.57 4.23 -22.67
CA ARG A 330 21.26 4.67 -22.20
C ARG A 330 21.37 5.24 -20.79
N SER A 331 21.01 6.51 -20.62
CA SER A 331 20.97 7.09 -19.30
C SER A 331 20.04 8.30 -19.24
N PRO A 332 19.15 8.38 -18.23
CA PRO A 332 18.92 7.28 -17.29
C PRO A 332 18.28 6.09 -17.99
N ASN A 333 18.45 4.92 -17.41
CA ASN A 333 17.90 3.70 -17.95
C ASN A 333 16.65 3.38 -17.14
N GLU A 334 15.48 3.53 -17.77
CA GLU A 334 14.23 3.44 -17.02
C GLU A 334 13.62 2.04 -17.08
N HIS A 335 14.44 0.99 -17.15
CA HIS A 335 13.90 -0.36 -17.11
C HIS A 335 13.17 -0.56 -15.78
N LEU A 336 12.21 -1.50 -15.79
CA LEU A 336 11.43 -1.85 -14.61
C LEU A 336 11.70 -3.29 -14.20
N THR A 337 12.91 -3.76 -14.52
CA THR A 337 13.30 -5.15 -14.30
C THR A 337 13.17 -5.59 -12.86
N PHE A 338 13.35 -4.67 -11.91
CA PHE A 338 13.27 -4.96 -10.49
C PHE A 338 11.93 -4.58 -9.88
N GLY A 339 10.97 -4.19 -10.70
CA GLY A 339 9.75 -3.68 -10.12
C GLY A 339 9.98 -2.28 -9.56
N HIS A 340 9.12 -1.93 -8.60
CA HIS A 340 9.05 -0.57 -8.09
C HIS A 340 8.08 -0.57 -6.93
N GLY A 341 8.23 0.42 -6.06
CA GLY A 341 7.29 0.58 -4.95
C GLY A 341 7.36 -0.56 -3.96
N MET A 342 6.18 -0.97 -3.48
CA MET A 342 6.01 -2.04 -2.49
C MET A 342 6.60 -3.36 -2.94
N TRP A 343 6.73 -3.56 -4.25
CA TRP A 343 7.07 -4.85 -4.80
C TRP A 343 8.52 -4.94 -5.22
N HIS A 344 9.28 -3.86 -5.06
CA HIS A 344 10.61 -3.76 -5.62
C HIS A 344 11.55 -4.86 -5.09
N CYS A 345 12.31 -5.42 -6.01
CA CYS A 345 13.25 -6.50 -5.69
C CYS A 345 14.16 -6.12 -4.54
N ILE A 346 14.13 -6.92 -3.49
CA ILE A 346 14.93 -6.60 -2.31
C ILE A 346 16.42 -6.84 -2.57
N GLY A 347 16.75 -7.79 -3.44
CA GLY A 347 18.14 -8.07 -3.73
C GLY A 347 18.79 -7.26 -4.83
N ALA A 348 18.08 -6.30 -5.43
CA ALA A 348 18.62 -5.48 -6.51
C ALA A 348 20.04 -4.99 -6.25
N PRO A 349 20.38 -4.40 -5.10
CA PRO A 349 21.76 -3.93 -4.93
C PRO A 349 22.77 -5.05 -4.98
N LEU A 350 22.44 -6.22 -4.41
CA LEU A 350 23.35 -7.34 -4.52
C LEU A 350 23.45 -7.82 -5.97
N ALA A 351 22.31 -7.96 -6.64
CA ALA A 351 22.33 -8.40 -8.03
C ALA A 351 23.20 -7.48 -8.90
N ARG A 352 23.03 -6.17 -8.74
CA ARG A 352 23.83 -5.22 -9.52
C ARG A 352 25.31 -5.43 -9.27
N MET A 353 25.69 -5.58 -8.00
CA MET A 353 27.09 -5.76 -7.65
C MET A 353 27.62 -7.10 -8.17
N MET A 354 26.82 -8.17 -8.07
CA MET A 354 27.27 -9.47 -8.55
C MET A 354 27.49 -9.47 -10.05
N LEU A 355 26.62 -8.78 -10.80
CA LEU A 355 26.78 -8.77 -12.26
C LEU A 355 28.00 -7.98 -12.66
N LYS A 356 28.18 -6.80 -12.07
CA LYS A 356 29.37 -6.00 -12.36
C LYS A 356 30.65 -6.78 -12.02
N THR A 357 30.67 -7.42 -10.85
CA THR A 357 31.82 -8.23 -10.48
C THR A 357 32.09 -9.32 -11.51
N ALA A 358 31.03 -10.00 -11.94
CA ALA A 358 31.20 -11.12 -12.87
C ALA A 358 31.76 -10.67 -14.21
N TYR A 359 31.14 -9.66 -14.84
CA TYR A 359 31.59 -9.25 -16.16
C TYR A 359 33.01 -8.73 -16.11
N THR A 360 33.34 -7.95 -15.08
CA THR A 360 34.68 -7.38 -14.97
C THR A 360 35.74 -8.48 -14.88
N GLN A 361 35.59 -9.38 -13.91
CA GLN A 361 36.57 -10.46 -13.74
C GLN A 361 36.60 -11.38 -14.95
N LEU A 362 35.43 -11.79 -15.43
CA LEU A 362 35.36 -12.72 -16.57
C LEU A 362 36.13 -12.19 -17.77
N PHE A 363 35.83 -10.97 -18.20
CA PHE A 363 36.41 -10.47 -19.43
C PHE A 363 37.81 -9.89 -19.24
N THR A 364 38.19 -9.51 -18.02
CA THR A 364 39.59 -9.18 -17.78
C THR A 364 40.47 -10.43 -17.86
N ARG A 365 40.03 -11.54 -17.27
CA ARG A 365 40.81 -12.77 -17.28
C ARG A 365 40.75 -13.47 -18.63
N LEU A 366 39.59 -13.46 -19.30
CA LEU A 366 39.38 -14.16 -20.55
C LEU A 366 38.93 -13.16 -21.63
N PRO A 367 39.85 -12.30 -22.10
CA PRO A 367 39.44 -11.26 -23.04
C PRO A 367 38.96 -11.81 -24.38
N GLY A 368 39.44 -12.98 -24.81
CA GLY A 368 39.01 -13.63 -26.02
C GLY A 368 37.74 -14.46 -25.90
N LEU A 369 37.01 -14.31 -24.80
CA LEU A 369 35.80 -15.10 -24.58
C LEU A 369 34.82 -14.89 -25.72
N LYS A 370 34.37 -16.00 -26.33
CA LYS A 370 33.41 -15.89 -27.42
C LYS A 370 32.51 -17.12 -27.42
N LEU A 371 31.36 -17.00 -28.08
CA LEU A 371 30.43 -18.11 -28.22
C LEU A 371 31.06 -19.25 -29.03
N ALA A 372 30.85 -20.48 -28.55
CA ALA A 372 31.30 -21.63 -29.31
C ALA A 372 30.48 -21.80 -30.58
N SER A 373 29.22 -21.41 -30.55
CA SER A 373 28.35 -21.55 -31.72
C SER A 373 27.65 -20.22 -31.98
N SER A 374 26.47 -20.28 -32.58
CA SER A 374 25.69 -19.09 -32.91
C SER A 374 24.71 -18.77 -31.78
N VAL A 375 24.36 -17.48 -31.67
CA VAL A 375 23.29 -17.08 -30.78
C VAL A 375 21.99 -17.77 -31.15
N GLU A 376 21.72 -17.94 -32.45
CA GLU A 376 20.51 -18.63 -32.86
C GLU A 376 20.52 -20.08 -32.38
N GLU A 377 21.70 -20.66 -32.22
CA GLU A 377 21.80 -22.03 -31.72
C GLU A 377 21.65 -22.13 -30.20
N LEU A 378 21.66 -21.02 -29.46
CA LEU A 378 21.45 -21.10 -28.02
C LEU A 378 20.03 -21.55 -27.73
N GLN A 379 19.87 -22.48 -26.80
CA GLN A 379 18.59 -23.08 -26.52
C GLN A 379 18.03 -22.51 -25.22
N VAL A 380 16.99 -21.70 -25.34
CA VAL A 380 16.32 -21.19 -24.16
C VAL A 380 15.53 -22.33 -23.50
N THR A 381 15.59 -22.39 -22.17
CA THR A 381 14.87 -23.43 -21.48
C THR A 381 13.37 -23.08 -21.43
N SER A 382 12.55 -24.10 -21.24
CA SER A 382 11.11 -23.89 -21.30
C SER A 382 10.41 -24.92 -20.43
N GLY A 383 9.17 -24.59 -20.04
CA GLY A 383 8.49 -25.39 -19.05
C GLY A 383 8.99 -25.16 -17.64
N GLN A 384 9.64 -24.02 -17.40
CA GLN A 384 10.31 -23.75 -16.14
C GLN A 384 10.05 -22.32 -15.66
N LEU A 385 10.04 -22.17 -14.36
CA LEU A 385 10.22 -20.86 -13.76
C LEU A 385 11.62 -20.35 -14.03
N ASN A 386 11.73 -19.04 -14.26
CA ASN A 386 12.94 -18.30 -14.61
C ASN A 386 14.06 -19.13 -15.23
N GLY A 387 13.72 -20.04 -16.13
CA GLY A 387 14.73 -20.65 -16.96
C GLY A 387 15.37 -19.62 -17.88
N GLY A 388 16.62 -19.87 -18.25
CA GLY A 388 17.29 -18.93 -19.12
C GLY A 388 17.77 -19.57 -20.40
N LEU A 389 18.95 -20.17 -20.33
CA LEU A 389 19.52 -21.02 -21.37
C LEU A 389 19.76 -22.39 -20.75
N THR A 390 19.75 -23.42 -21.60
N THR A 390 19.74 -23.42 -21.61
CA THR A 390 20.06 -24.75 -21.10
CA THR A 390 20.06 -24.77 -21.14
C THR A 390 21.56 -24.92 -20.88
C THR A 390 21.56 -24.93 -20.90
N GLU A 391 22.38 -24.18 -21.62
CA GLU A 391 23.83 -24.14 -21.46
C GLU A 391 24.35 -23.03 -22.37
N LEU A 392 25.58 -22.61 -22.13
CA LEU A 392 26.20 -21.53 -22.89
C LEU A 392 27.64 -21.92 -23.20
N PRO A 393 27.86 -22.69 -24.27
CA PRO A 393 29.21 -23.14 -24.59
C PRO A 393 30.03 -21.96 -25.13
N VAL A 394 31.18 -21.71 -24.50
CA VAL A 394 32.06 -20.63 -24.90
C VAL A 394 33.48 -21.18 -25.02
N THR A 395 34.31 -20.46 -25.78
CA THR A 395 35.73 -20.70 -25.87
C THR A 395 36.46 -19.38 -25.61
N TRP A 396 37.78 -19.45 -25.40
CA TRP A 396 38.52 -18.24 -25.05
C TRP A 396 40.02 -18.34 -25.30
N PRO B 6 -1.34 32.28 -9.04
CA PRO B 6 -1.99 32.46 -7.74
C PRO B 6 -3.31 31.68 -7.59
N PRO B 7 -3.24 30.48 -7.00
CA PRO B 7 -4.41 29.59 -6.95
C PRO B 7 -5.49 30.12 -6.01
N PRO B 8 -6.74 29.70 -6.17
CA PRO B 8 -7.82 30.19 -5.30
C PRO B 8 -7.67 29.71 -3.87
N SER B 9 -8.14 30.54 -2.94
CA SER B 9 -8.02 30.22 -1.53
C SER B 9 -9.17 29.32 -1.09
N LEU B 10 -8.84 28.18 -0.46
CA LEU B 10 -9.83 27.43 0.28
C LEU B 10 -10.36 28.29 1.42
N GLU B 11 -11.64 28.63 1.38
CA GLU B 11 -12.19 29.65 2.26
C GLU B 11 -12.57 29.08 3.63
N ASP B 12 -12.79 30.00 4.58
CA ASP B 12 -12.93 29.66 6.00
C ASP B 12 -13.96 28.57 6.24
N ALA B 13 -15.07 28.61 5.48
CA ALA B 13 -16.09 27.56 5.45
C ALA B 13 -17.08 27.89 4.33
N ALA B 14 -18.29 27.31 4.40
CA ALA B 14 -19.37 27.62 3.47
C ALA B 14 -20.20 28.79 3.98
N PRO B 15 -20.92 29.49 3.10
CA PRO B 15 -21.87 30.50 3.60
C PRO B 15 -23.01 29.88 4.41
N SER B 16 -23.50 28.69 4.03
CA SER B 16 -24.64 28.11 4.74
C SER B 16 -24.56 26.58 4.71
N VAL B 17 -25.43 25.97 5.54
CA VAL B 17 -25.36 24.57 5.96
C VAL B 17 -26.15 23.69 5.01
N LEU B 18 -25.66 22.47 4.78
CA LEU B 18 -26.29 21.45 3.96
C LEU B 18 -26.31 21.80 2.48
N ARG B 19 -25.67 22.90 2.07
CA ARG B 19 -25.41 23.19 0.67
C ARG B 19 -23.92 23.40 0.46
N LEU B 20 -23.38 22.77 -0.58
CA LEU B 20 -21.97 22.90 -0.90
C LEU B 20 -21.67 24.34 -1.29
N SER B 21 -20.52 24.85 -0.82
CA SER B 21 -20.19 26.25 -1.04
C SER B 21 -19.89 26.51 -2.51
N PRO B 22 -20.10 27.75 -2.98
CA PRO B 22 -19.91 28.04 -4.41
C PRO B 22 -18.50 27.78 -4.91
N LEU B 23 -17.46 28.11 -4.13
CA LEU B 23 -16.09 27.87 -4.55
C LEU B 23 -15.83 26.40 -4.85
N LEU B 24 -16.19 25.52 -3.92
CA LEU B 24 -15.94 24.09 -4.11
C LEU B 24 -16.66 23.56 -5.35
N ARG B 25 -17.90 23.99 -5.58
CA ARG B 25 -18.58 23.50 -6.77
C ARG B 25 -17.91 23.99 -8.05
N GLU B 26 -17.30 25.17 -8.02
CA GLU B 26 -16.57 25.67 -9.18
C GLU B 26 -15.26 24.91 -9.39
N LEU B 27 -14.53 24.62 -8.31
CA LEU B 27 -13.29 23.87 -8.43
C LEU B 27 -13.56 22.49 -9.00
N GLN B 28 -14.63 21.85 -8.52
CA GLN B 28 -15.07 20.57 -9.06
C GLN B 28 -15.35 20.67 -10.55
N MET B 29 -15.89 21.81 -11.00
CA MET B 29 -16.16 21.98 -12.43
C MET B 29 -14.88 22.22 -13.22
N ARG B 30 -13.90 22.90 -12.61
N ARG B 30 -13.87 22.85 -12.62
CA ARG B 30 -12.65 23.23 -13.30
CA ARG B 30 -12.68 23.22 -13.39
C ARG B 30 -11.90 21.98 -13.74
C ARG B 30 -11.84 21.99 -13.76
N ALA B 31 -11.54 21.12 -12.79
CA ALA B 31 -10.68 19.98 -13.06
C ALA B 31 -10.77 18.94 -11.95
N PRO B 32 -10.46 17.68 -12.24
CA PRO B 32 -10.44 16.66 -11.18
C PRO B 32 -9.41 16.92 -10.09
N VAL B 33 -8.25 17.44 -10.45
CA VAL B 33 -7.15 17.74 -9.53
C VAL B 33 -6.68 19.15 -9.84
N THR B 34 -6.79 20.06 -8.88
CA THR B 34 -6.60 21.47 -9.19
C THR B 34 -5.86 22.15 -8.05
N LYS B 35 -5.02 23.13 -8.39
CA LYS B 35 -4.19 23.74 -7.37
C LYS B 35 -4.97 24.80 -6.59
N ILE B 36 -4.77 24.82 -5.27
CA ILE B 36 -5.43 25.77 -4.39
C ILE B 36 -4.40 26.36 -3.45
N ARG B 37 -4.81 27.41 -2.74
CA ARG B 37 -4.07 27.98 -1.63
C ARG B 37 -4.74 27.53 -0.33
N THR B 38 -3.97 26.97 0.59
CA THR B 38 -4.54 26.38 1.79
C THR B 38 -4.86 27.44 2.85
N PRO B 39 -5.71 27.11 3.84
CA PRO B 39 -5.86 28.02 4.99
C PRO B 39 -4.52 28.42 5.59
N ALA B 40 -3.54 27.51 5.63
CA ALA B 40 -2.21 27.87 6.09
C ALA B 40 -1.49 28.82 5.14
N GLY B 41 -2.02 29.03 3.94
CA GLY B 41 -1.42 29.94 2.97
C GLY B 41 -0.38 29.32 2.07
N ASP B 42 -0.41 28.00 1.90
CA ASP B 42 0.53 27.32 1.01
C ASP B 42 -0.22 26.77 -0.19
N GLU B 43 0.53 26.18 -1.12
CA GLU B 43 -0.05 25.58 -2.30
C GLU B 43 -0.28 24.10 -2.09
N GLY B 44 -1.36 23.59 -2.65
CA GLY B 44 -1.68 22.18 -2.57
C GLY B 44 -2.63 21.82 -3.69
N TRP B 45 -2.73 20.52 -3.92
CA TRP B 45 -3.64 19.97 -4.91
C TRP B 45 -4.92 19.53 -4.21
N LEU B 46 -6.06 20.07 -4.63
CA LEU B 46 -7.36 19.59 -4.19
C LEU B 46 -7.90 18.62 -5.22
N VAL B 47 -8.28 17.43 -4.78
CA VAL B 47 -8.90 16.43 -5.63
C VAL B 47 -10.41 16.57 -5.46
N THR B 48 -11.11 16.86 -6.54
CA THR B 48 -12.49 17.33 -6.49
C THR B 48 -13.51 16.36 -7.05
N ARG B 49 -13.08 15.28 -7.71
CA ARG B 49 -14.01 14.40 -8.40
C ARG B 49 -13.86 12.96 -7.88
N HIS B 50 -14.99 12.23 -7.89
CA HIS B 50 -15.09 10.94 -7.20
C HIS B 50 -14.12 9.90 -7.77
N ALA B 51 -14.06 9.76 -9.09
CA ALA B 51 -13.21 8.70 -9.66
C ALA B 51 -11.74 8.93 -9.29
N GLU B 52 -11.27 10.17 -9.44
CA GLU B 52 -9.87 10.47 -9.18
C GLU B 52 -9.54 10.39 -7.70
N LEU B 53 -10.48 10.74 -6.82
CA LEU B 53 -10.22 10.56 -5.40
C LEU B 53 -10.13 9.08 -5.06
N LYS B 54 -11.02 8.26 -5.61
CA LYS B 54 -10.99 6.85 -5.28
C LYS B 54 -9.68 6.22 -5.75
N GLN B 55 -9.18 6.68 -6.90
CA GLN B 55 -7.92 6.15 -7.40
C GLN B 55 -6.76 6.59 -6.51
N LEU B 56 -6.74 7.84 -6.07
CA LEU B 56 -5.61 8.29 -5.25
C LEU B 56 -5.62 7.69 -3.85
N LEU B 57 -6.79 7.41 -3.29
CA LEU B 57 -6.87 6.70 -2.01
C LEU B 57 -6.18 5.34 -2.06
N HIS B 58 -5.95 4.79 -3.25
CA HIS B 58 -5.27 3.51 -3.42
C HIS B 58 -3.89 3.65 -4.03
N ASP B 59 -3.35 4.86 -4.13
CA ASP B 59 -2.04 5.05 -4.70
C ASP B 59 -0.98 5.02 -3.60
N GLU B 60 -0.03 4.08 -3.70
CA GLU B 60 1.01 3.92 -2.67
C GLU B 60 1.94 5.12 -2.56
N ARG B 61 1.94 6.03 -3.54
CA ARG B 61 2.88 7.17 -3.55
C ARG B 61 2.39 8.39 -2.77
N LEU B 62 1.26 8.31 -2.09
CA LEU B 62 0.86 9.35 -1.13
C LEU B 62 1.03 8.80 0.28
N ALA B 63 1.67 9.60 1.13
CA ALA B 63 1.97 9.17 2.49
C ALA B 63 1.96 10.38 3.39
N ARG B 64 1.94 10.12 4.71
CA ARG B 64 2.06 11.16 5.71
C ARG B 64 3.54 11.40 6.00
N ALA B 65 4.27 11.80 4.95
CA ALA B 65 5.71 11.80 5.01
C ALA B 65 6.26 12.81 4.02
N HIS B 66 7.31 13.51 4.44
CA HIS B 66 7.93 14.56 3.64
C HIS B 66 9.38 14.65 4.07
N ALA B 67 10.28 14.86 3.11
CA ALA B 67 11.70 14.86 3.43
C ALA B 67 12.10 15.98 4.40
N ASP B 68 11.36 17.08 4.43
CA ASP B 68 11.67 18.19 5.33
C ASP B 68 10.36 18.68 5.93
N PRO B 69 9.82 17.96 6.93
CA PRO B 69 8.45 18.24 7.38
C PRO B 69 8.28 19.63 7.97
N ALA B 70 9.35 20.23 8.49
CA ALA B 70 9.23 21.57 9.05
C ALA B 70 8.93 22.60 7.97
N ASN B 71 9.35 22.34 6.74
CA ASN B 71 9.07 23.25 5.63
C ASN B 71 8.09 22.67 4.61
N ALA B 72 7.49 21.52 4.90
CA ALA B 72 6.49 20.97 4.00
C ALA B 72 5.31 21.93 3.86
N PRO B 73 4.75 22.09 2.67
CA PRO B 73 3.54 22.92 2.52
C PRO B 73 2.43 22.39 3.39
N ARG B 74 1.82 23.28 4.16
CA ARG B 74 0.84 22.88 5.16
C ARG B 74 -0.59 23.11 4.67
N TYR B 75 -1.46 22.23 5.14
CA TYR B 75 -2.90 22.42 4.97
C TYR B 75 -3.40 23.55 5.88
N VAL B 76 -3.19 23.39 7.19
CA VAL B 76 -3.59 24.40 8.18
C VAL B 76 -2.42 24.59 9.15
N LYS B 77 -2.52 25.64 9.96
CA LYS B 77 -1.49 25.92 10.95
C LYS B 77 -1.93 25.22 12.22
N SER B 78 -1.30 24.08 12.53
CA SER B 78 -1.68 23.34 13.73
C SER B 78 -0.55 22.41 14.16
N PRO B 79 -0.05 22.56 15.39
CA PRO B 79 0.96 21.60 15.88
C PRO B 79 0.43 20.18 16.01
N LEU B 80 -0.89 20.01 16.12
CA LEU B 80 -1.44 18.66 16.14
C LEU B 80 -1.29 18.00 14.77
N MET B 81 -1.71 18.72 13.71
CA MET B 81 -1.51 18.23 12.35
C MET B 81 -0.04 17.95 12.06
N ASP B 82 0.86 18.78 12.60
CA ASP B 82 2.28 18.64 12.32
C ASP B 82 2.79 17.27 12.78
N LEU B 83 2.28 16.77 13.90
CA LEU B 83 2.74 15.50 14.46
C LEU B 83 2.44 14.32 13.54
N LEU B 84 1.52 14.49 12.58
CA LEU B 84 1.21 13.41 11.65
C LEU B 84 2.36 13.11 10.70
N ILE B 85 3.20 14.09 10.40
CA ILE B 85 4.16 14.00 9.30
C ILE B 85 5.51 13.56 9.83
N MET B 86 6.06 12.50 9.24
CA MET B 86 7.41 12.04 9.55
C MET B 86 8.31 12.34 8.36
N ASP B 87 9.62 12.29 8.60
CA ASP B 87 10.59 12.68 7.59
C ASP B 87 11.25 11.50 6.88
N ASP B 88 10.79 10.28 7.15
CA ASP B 88 11.20 9.09 6.40
C ASP B 88 9.95 8.36 5.94
N VAL B 89 9.93 7.96 4.66
CA VAL B 89 8.72 7.37 4.12
C VAL B 89 8.47 5.98 4.72
N GLU B 90 9.52 5.15 4.85
CA GLU B 90 9.25 3.80 5.35
C GLU B 90 8.91 3.81 6.84
N ALA B 91 9.46 4.75 7.61
CA ALA B 91 9.05 4.90 9.00
C ALA B 91 7.60 5.35 9.11
N ALA B 92 7.18 6.30 8.28
CA ALA B 92 5.78 6.74 8.28
C ALA B 92 4.87 5.58 7.91
N ARG B 93 5.25 4.83 6.88
CA ARG B 93 4.47 3.70 6.40
C ARG B 93 4.30 2.65 7.50
N ALA B 94 5.34 2.42 8.28
CA ALA B 94 5.26 1.40 9.31
C ALA B 94 4.43 1.89 10.50
N ALA B 95 4.64 3.15 10.92
CA ALA B 95 3.83 3.72 12.00
C ALA B 95 2.34 3.67 11.64
N HIS B 96 2.01 4.01 10.39
CA HIS B 96 0.61 3.94 9.95
C HIS B 96 0.10 2.51 9.99
N ALA B 97 0.89 1.58 9.43
CA ALA B 97 0.47 0.19 9.38
C ALA B 97 0.32 -0.40 10.78
N GLU B 98 1.20 -0.02 11.71
CA GLU B 98 1.09 -0.45 13.09
C GLU B 98 -0.22 0.02 13.70
N LEU B 99 -0.55 1.29 13.50
CA LEU B 99 -1.79 1.84 14.05
C LEU B 99 -3.00 1.05 13.57
N ARG B 100 -3.03 0.72 12.28
CA ARG B 100 -4.17 -0.01 11.75
C ARG B 100 -4.21 -1.43 12.29
N THR B 101 -3.04 -2.06 12.45
CA THR B 101 -3.02 -3.42 13.02
C THR B 101 -3.51 -3.38 14.46
N LEU B 102 -3.12 -2.36 15.22
CA LEU B 102 -3.52 -2.31 16.61
C LEU B 102 -5.02 -2.09 16.75
N LEU B 103 -5.60 -1.26 15.89
CA LEU B 103 -6.95 -0.74 16.10
C LEU B 103 -8.02 -1.48 15.31
N THR B 104 -7.74 -1.88 14.07
CA THR B 104 -8.72 -2.55 13.22
C THR B 104 -9.43 -3.71 13.91
N PRO B 105 -8.76 -4.62 14.62
CA PRO B 105 -9.52 -5.73 15.26
C PRO B 105 -10.49 -5.28 16.34
N GLN B 106 -10.29 -4.12 16.93
CA GLN B 106 -11.18 -3.61 17.96
C GLN B 106 -12.52 -3.16 17.41
N PHE B 107 -12.64 -2.99 16.10
CA PHE B 107 -13.88 -2.55 15.46
C PHE B 107 -14.40 -3.57 14.45
N SER B 108 -14.05 -4.85 14.63
CA SER B 108 -14.71 -5.91 13.86
C SER B 108 -16.22 -5.85 14.04
N ALA B 109 -16.94 -6.41 13.07
CA ALA B 109 -18.40 -6.40 13.12
C ALA B 109 -18.91 -6.97 14.45
N ARG B 110 -18.42 -8.15 14.81
CA ARG B 110 -18.79 -8.80 16.06
C ARG B 110 -18.56 -7.89 17.26
N ARG B 111 -17.39 -7.27 17.35
CA ARG B 111 -17.09 -6.46 18.53
C ARG B 111 -18.01 -5.24 18.63
N VAL B 112 -18.30 -4.62 17.49
CA VAL B 112 -19.16 -3.44 17.50
C VAL B 112 -20.57 -3.82 17.91
N LEU B 113 -21.08 -4.95 17.40
CA LEU B 113 -22.35 -5.45 17.87
C LEU B 113 -22.36 -5.61 19.38
N ASN B 114 -21.25 -6.06 19.96
CA ASN B 114 -21.18 -6.17 21.40
C ASN B 114 -21.21 -4.82 22.10
N MET B 115 -20.94 -3.73 21.38
CA MET B 115 -21.01 -2.38 21.95
C MET B 115 -22.42 -1.82 22.03
N MET B 116 -23.38 -2.37 21.30
CA MET B 116 -24.72 -1.79 21.22
C MET B 116 -25.40 -1.55 22.56
N PRO B 117 -25.48 -2.52 23.48
CA PRO B 117 -26.15 -2.23 24.76
C PRO B 117 -25.58 -1.02 25.47
N MET B 118 -24.24 -0.92 25.51
CA MET B 118 -23.58 0.25 26.09
C MET B 118 -24.03 1.52 25.38
N VAL B 119 -23.97 1.52 24.05
CA VAL B 119 -24.29 2.73 23.30
C VAL B 119 -25.74 3.14 23.51
N GLU B 120 -26.66 2.18 23.37
CA GLU B 120 -28.08 2.47 23.55
C GLU B 120 -28.37 2.90 24.98
N GLY B 121 -27.70 2.29 25.95
CA GLY B 121 -27.92 2.69 27.34
C GLY B 121 -27.47 4.11 27.60
N ILE B 122 -26.32 4.50 27.05
CA ILE B 122 -25.84 5.87 27.20
C ILE B 122 -26.77 6.84 26.49
N ALA B 123 -27.22 6.50 25.28
CA ALA B 123 -28.13 7.37 24.57
C ALA B 123 -29.42 7.57 25.37
N GLU B 124 -29.93 6.50 25.97
CA GLU B 124 -31.17 6.58 26.73
C GLU B 124 -31.04 7.53 27.91
N GLN B 125 -29.97 7.40 28.70
CA GLN B 125 -29.78 8.24 29.89
C GLN B 125 -29.71 9.71 29.51
N ILE B 126 -28.94 10.04 28.47
CA ILE B 126 -28.78 11.45 28.07
C ILE B 126 -30.09 11.98 27.47
N LEU B 127 -30.80 11.14 26.72
CA LEU B 127 -32.07 11.56 26.14
C LEU B 127 -33.12 11.79 27.22
N ASN B 128 -33.17 10.91 28.23
CA ASN B 128 -34.02 11.15 29.39
C ASN B 128 -33.82 12.55 29.94
N GLY B 129 -32.57 12.97 30.07
CA GLY B 129 -32.31 14.32 30.54
C GLY B 129 -32.69 15.38 29.51
N PHE B 130 -32.40 15.11 28.23
CA PHE B 130 -32.61 16.13 27.20
C PHE B 130 -34.08 16.46 27.03
N ALA B 131 -34.95 15.45 27.06
CA ALA B 131 -36.38 15.70 26.88
C ALA B 131 -36.95 16.68 27.91
N ALA B 132 -36.28 16.88 29.04
CA ALA B 132 -36.78 17.74 30.10
C ALA B 132 -36.18 19.14 30.07
N GLN B 133 -35.31 19.45 29.12
CA GLN B 133 -34.64 20.75 29.12
C GLN B 133 -35.61 21.85 28.72
N GLU B 134 -35.28 23.08 29.14
CA GLU B 134 -36.06 24.24 28.71
C GLU B 134 -35.96 24.42 27.19
N GLN B 135 -37.12 24.65 26.57
CA GLN B 135 -37.14 24.77 25.11
C GLN B 135 -37.21 26.23 24.68
N PRO B 136 -36.54 26.60 23.58
CA PRO B 136 -35.72 25.73 22.73
C PRO B 136 -34.40 25.32 23.39
N ALA B 137 -33.84 24.18 23.02
CA ALA B 137 -32.62 23.70 23.65
C ALA B 137 -31.61 23.36 22.57
N ASP B 138 -30.34 23.48 22.93
CA ASP B 138 -29.25 23.18 21.99
C ASP B 138 -29.07 21.66 21.93
N LEU B 139 -29.43 21.06 20.79
CA LEU B 139 -29.26 19.62 20.63
C LEU B 139 -27.79 19.21 20.68
N ARG B 140 -26.90 20.05 20.14
CA ARG B 140 -25.48 19.69 20.13
C ARG B 140 -24.92 19.64 21.54
N GLY B 141 -25.15 20.69 22.32
CA GLY B 141 -24.58 20.76 23.66
C GLY B 141 -25.26 19.83 24.66
N ASN B 142 -26.55 19.61 24.52
CA ASN B 142 -27.25 18.79 25.49
C ASN B 142 -27.46 17.34 25.06
N PHE B 143 -27.20 17.00 23.80
CA PHE B 143 -27.34 15.60 23.45
C PHE B 143 -26.14 15.06 22.68
N SER B 144 -25.83 15.65 21.51
CA SER B 144 -24.91 15.00 20.59
C SER B 144 -23.48 14.95 21.16
N LEU B 145 -22.97 16.07 21.71
CA LEU B 145 -21.62 16.04 22.27
C LEU B 145 -21.49 15.16 23.51
N PRO B 146 -22.36 15.25 24.52
CA PRO B 146 -22.23 14.31 25.65
C PRO B 146 -22.39 12.85 25.23
N TYR B 147 -23.31 12.55 24.30
CA TYR B 147 -23.49 11.19 23.81
C TYR B 147 -22.21 10.69 23.17
N SER B 148 -21.62 11.49 22.31
CA SER B 148 -20.43 11.05 21.61
C SER B 148 -19.27 10.90 22.60
N LEU B 149 -19.10 11.87 23.50
CA LEU B 149 -18.02 11.83 24.46
C LEU B 149 -18.14 10.63 25.42
N THR B 150 -19.35 10.39 25.94
CA THR B 150 -19.49 9.33 26.93
C THR B 150 -19.26 7.96 26.30
N VAL B 151 -19.80 7.75 25.10
CA VAL B 151 -19.60 6.48 24.39
C VAL B 151 -18.12 6.25 24.10
N LEU B 152 -17.47 7.23 23.50
CA LEU B 152 -16.08 7.03 23.10
C LEU B 152 -15.19 6.83 24.32
N CYS B 153 -15.44 7.57 25.40
CA CYS B 153 -14.67 7.34 26.61
C CYS B 153 -14.87 5.93 27.16
N ALA B 154 -16.11 5.42 27.11
CA ALA B 154 -16.38 4.10 27.66
C ALA B 154 -15.70 3.02 26.82
N LEU B 155 -15.72 3.17 25.50
CA LEU B 155 -15.03 2.23 24.63
C LEU B 155 -13.52 2.29 24.82
N ILE B 156 -12.95 3.50 24.87
CA ILE B 156 -11.49 3.65 24.99
C ILE B 156 -11.02 3.23 26.39
N GLY B 157 -11.80 3.55 27.41
CA GLY B 157 -11.40 3.20 28.77
C GLY B 157 -11.03 4.40 29.60
N ILE B 158 -11.61 5.54 29.29
CA ILE B 158 -11.36 6.77 30.02
C ILE B 158 -12.36 6.87 31.17
N PRO B 159 -11.90 6.86 32.43
CA PRO B 159 -12.83 6.88 33.57
C PRO B 159 -13.77 8.07 33.56
N LEU B 160 -15.02 7.82 33.93
CA LEU B 160 -15.98 8.90 34.15
C LEU B 160 -15.42 9.93 35.10
N GLN B 161 -14.58 9.49 36.05
CA GLN B 161 -13.98 10.37 37.03
C GLN B 161 -12.99 11.36 36.41
N GLU B 162 -12.58 11.16 35.15
CA GLU B 162 -11.57 12.00 34.51
C GLU B 162 -12.07 12.64 33.23
N GLN B 163 -13.37 12.69 33.00
CA GLN B 163 -13.89 13.26 31.76
C GLN B 163 -14.23 14.75 31.84
N GLY B 164 -14.27 15.32 33.04
CA GLY B 164 -14.83 16.66 33.19
C GLY B 164 -14.13 17.72 32.35
N GLN B 165 -12.85 17.52 32.06
CA GLN B 165 -12.06 18.50 31.33
C GLN B 165 -11.98 18.24 29.83
N LEU B 166 -12.36 17.05 29.37
CA LEU B 166 -11.99 16.60 28.04
C LEU B 166 -12.64 17.42 26.93
N LEU B 167 -13.92 17.75 27.06
CA LEU B 167 -14.58 18.51 26.00
C LEU B 167 -13.84 19.84 25.75
N ALA B 168 -13.46 20.54 26.81
CA ALA B 168 -12.71 21.78 26.66
C ALA B 168 -11.35 21.53 26.02
N VAL B 169 -10.65 20.48 26.47
CA VAL B 169 -9.31 20.19 25.94
C VAL B 169 -9.39 19.81 24.48
N LEU B 170 -10.37 18.97 24.12
CA LEU B 170 -10.52 18.56 22.73
C LEU B 170 -10.92 19.75 21.84
N GLY B 171 -11.75 20.65 22.36
CA GLY B 171 -12.10 21.84 21.60
C GLY B 171 -10.89 22.71 21.30
N GLU B 172 -9.99 22.84 22.28
CA GLU B 172 -8.78 23.63 22.09
C GLU B 172 -7.84 22.99 21.08
N MET B 173 -7.77 21.67 21.06
CA MET B 173 -6.88 20.99 20.13
C MET B 173 -7.28 21.20 18.68
N ALA B 174 -8.53 21.58 18.41
CA ALA B 174 -9.00 21.80 17.05
C ALA B 174 -8.78 23.22 16.57
N THR B 175 -8.25 24.10 17.42
CA THR B 175 -8.06 25.50 17.05
C THR B 175 -6.98 25.63 15.97
N LEU B 176 -7.23 26.52 15.02
CA LEU B 176 -6.26 26.79 13.96
C LEU B 176 -5.51 28.09 14.17
N ASN B 177 -6.12 29.02 14.90
CA ASN B 177 -5.48 30.23 15.40
C ASN B 177 -4.14 29.99 16.09
N ASP B 178 -4.19 29.32 17.24
N ASP B 178 -4.19 29.32 17.24
CA ASP B 178 -3.18 29.44 18.29
CA ASP B 178 -3.18 29.44 18.29
C ASP B 178 -2.34 28.18 18.38
C ASP B 178 -2.34 28.18 18.38
N ALA B 179 -1.08 28.26 17.94
CA ALA B 179 -0.16 27.14 18.11
C ALA B 179 0.09 26.83 19.60
N GLU B 180 0.27 27.86 20.43
CA GLU B 180 0.56 27.63 21.84
C GLU B 180 -0.57 26.88 22.54
N SER B 181 -1.83 27.28 22.28
CA SER B 181 -2.96 26.60 22.90
C SER B 181 -3.10 25.15 22.41
N VAL B 182 -2.91 24.93 21.10
CA VAL B 182 -3.01 23.58 20.58
C VAL B 182 -1.87 22.72 21.12
N ALA B 183 -0.65 23.26 21.10
CA ALA B 183 0.49 22.51 21.63
C ALA B 183 0.30 22.21 23.10
N ARG B 184 -0.17 23.21 23.87
CA ARG B 184 -0.43 22.98 25.29
C ARG B 184 -1.49 21.89 25.48
N SER B 185 -2.63 22.02 24.80
CA SER B 185 -3.72 21.09 25.08
C SER B 185 -3.44 19.70 24.53
N GLN B 186 -2.70 19.58 23.43
CA GLN B 186 -2.42 18.24 22.92
C GLN B 186 -1.43 17.50 23.83
N ALA B 187 -0.43 18.21 24.35
CA ALA B 187 0.49 17.59 25.32
C ALA B 187 -0.23 17.21 26.61
N LYS B 188 -1.18 18.05 27.05
CA LYS B 188 -2.01 17.69 28.20
C LYS B 188 -2.76 16.40 27.94
N LEU B 189 -3.45 16.30 26.81
CA LEU B 189 -4.26 15.11 26.55
C LEU B 189 -3.39 13.89 26.38
N PHE B 190 -2.30 13.99 25.61
CA PHE B 190 -1.41 12.84 25.44
C PHE B 190 -0.83 12.41 26.78
N GLY B 191 -0.42 13.38 27.59
CA GLY B 191 0.10 13.04 28.91
C GLY B 191 -0.94 12.40 29.81
N LEU B 192 -2.15 12.97 29.85
CA LEU B 192 -3.22 12.35 30.63
C LEU B 192 -3.44 10.90 30.21
N LEU B 193 -3.40 10.62 28.92
CA LEU B 193 -3.73 9.27 28.48
C LEU B 193 -2.56 8.29 28.59
N THR B 194 -1.30 8.77 28.52
CA THR B 194 -0.22 7.82 28.80
C THR B 194 -0.20 7.47 30.28
N ASP B 195 -0.54 8.43 31.13
CA ASP B 195 -0.67 8.12 32.56
C ASP B 195 -1.75 7.08 32.77
N LEU B 196 -2.90 7.27 32.14
CA LEU B 196 -4.00 6.31 32.26
C LEU B 196 -3.59 4.93 31.75
N ALA B 197 -2.85 4.88 30.62
CA ALA B 197 -2.36 3.60 30.10
C ALA B 197 -1.52 2.86 31.13
N GLY B 198 -0.71 3.58 31.89
CA GLY B 198 0.06 2.95 32.94
C GLY B 198 -0.83 2.35 34.02
N ARG B 199 -1.89 3.06 34.41
CA ARG B 199 -2.77 2.54 35.46
C ARG B 199 -3.59 1.35 34.97
N LYS B 200 -4.02 1.38 33.70
CA LYS B 200 -4.81 0.28 33.17
C LYS B 200 -3.97 -0.94 32.84
N ARG B 201 -2.68 -0.76 32.54
CA ARG B 201 -1.78 -1.91 32.42
C ARG B 201 -1.78 -2.70 33.72
N ALA B 202 -1.69 -2.00 34.85
CA ALA B 202 -1.67 -2.70 36.14
C ALA B 202 -3.04 -3.29 36.47
N GLU B 203 -4.12 -2.60 36.09
CA GLU B 203 -5.50 -3.02 36.39
C GLU B 203 -6.35 -3.01 35.12
N PRO B 204 -6.25 -4.04 34.29
CA PRO B 204 -6.94 -4.00 32.99
C PRO B 204 -8.45 -4.05 33.10
N GLY B 205 -9.10 -3.41 32.14
CA GLY B 205 -10.55 -3.46 32.00
C GLY B 205 -10.90 -3.96 30.62
N ASP B 206 -12.18 -3.90 30.25
CA ASP B 206 -12.64 -4.34 28.93
C ASP B 206 -12.79 -3.11 28.04
N ASP B 207 -11.67 -2.69 27.45
CA ASP B 207 -11.62 -1.41 26.74
C ASP B 207 -10.37 -1.38 25.87
N VAL B 208 -10.33 -0.40 24.96
CA VAL B 208 -9.26 -0.36 23.97
C VAL B 208 -7.91 -0.17 24.65
N ILE B 209 -7.81 0.74 25.62
CA ILE B 209 -6.51 1.00 26.23
C ILE B 209 -5.94 -0.28 26.83
N SER B 210 -6.78 -1.01 27.56
CA SER B 210 -6.34 -2.27 28.17
C SER B 210 -5.88 -3.25 27.10
N ARG B 211 -6.61 -3.33 25.99
CA ARG B 211 -6.18 -4.26 24.96
C ARG B 211 -4.87 -3.81 24.31
N LEU B 212 -4.71 -2.51 24.06
CA LEU B 212 -3.43 -2.01 23.56
C LEU B 212 -2.28 -2.40 24.48
N CYS B 213 -2.50 -2.40 25.81
CA CYS B 213 -1.44 -2.73 26.77
C CYS B 213 -0.89 -4.13 26.55
N GLU B 214 -1.72 -5.07 26.11
CA GLU B 214 -1.24 -6.44 25.92
C GLU B 214 -0.15 -6.53 24.85
N THR B 215 -0.17 -5.67 23.85
CA THR B 215 0.79 -5.78 22.77
C THR B 215 1.76 -4.61 22.68
N VAL B 216 1.53 -3.53 23.41
CA VAL B 216 2.38 -2.35 23.34
C VAL B 216 2.94 -2.07 24.73
N PRO B 217 4.22 -2.34 24.99
CA PRO B 217 4.74 -2.22 26.36
C PRO B 217 4.99 -0.80 26.83
N GLU B 218 5.02 0.19 25.93
CA GLU B 218 5.31 1.57 26.29
C GLU B 218 4.02 2.37 26.45
N ASP B 219 3.78 2.88 27.66
CA ASP B 219 2.63 3.72 27.92
C ASP B 219 2.63 4.94 27.01
N GLU B 220 3.81 5.52 26.78
CA GLU B 220 3.88 6.74 25.99
C GLU B 220 3.52 6.49 24.52
N ARG B 221 3.52 5.24 24.07
CA ARG B 221 3.01 4.96 22.74
C ARG B 221 1.49 4.83 22.73
N ILE B 222 0.90 4.39 23.85
CA ILE B 222 -0.54 4.14 23.89
C ILE B 222 -1.30 5.45 24.01
N GLY B 223 -0.79 6.39 24.81
CA GLY B 223 -1.45 7.66 25.04
C GLY B 223 -1.85 8.37 23.74
N PRO B 224 -0.89 8.55 22.83
CA PRO B 224 -1.21 9.21 21.56
C PRO B 224 -2.19 8.45 20.70
N ILE B 225 -2.13 7.12 20.69
CA ILE B 225 -3.12 6.34 19.95
C ILE B 225 -4.50 6.54 20.55
N ALA B 226 -4.61 6.40 21.87
CA ALA B 226 -5.90 6.62 22.53
C ALA B 226 -6.39 8.05 22.36
N ALA B 227 -5.47 9.02 22.41
CA ALA B 227 -5.85 10.41 22.24
C ALA B 227 -6.37 10.67 20.83
N SER B 228 -5.67 10.17 19.81
CA SER B 228 -6.10 10.39 18.44
C SER B 228 -7.45 9.71 18.15
N LEU B 229 -7.71 8.53 18.74
CA LEU B 229 -9.02 7.90 18.58
C LEU B 229 -10.14 8.78 19.11
N LEU B 230 -9.98 9.27 20.34
CA LEU B 230 -10.96 10.17 20.94
C LEU B 230 -11.18 11.39 20.05
N PHE B 231 -10.09 12.02 19.61
CA PHE B 231 -10.21 13.20 18.78
C PHE B 231 -10.75 12.87 17.40
N ALA B 232 -10.46 11.68 16.88
CA ALA B 232 -10.96 11.32 15.55
C ALA B 232 -12.48 11.16 15.55
N GLY B 233 -13.05 10.66 16.64
CA GLY B 233 -14.47 10.36 16.63
C GLY B 233 -15.43 11.37 17.25
N LEU B 234 -14.95 12.14 18.20
CA LEU B 234 -15.85 12.96 19.00
C LEU B 234 -16.63 13.97 18.16
N ASP B 235 -15.94 14.92 17.55
CA ASP B 235 -16.62 15.97 16.79
C ASP B 235 -17.36 15.40 15.58
N SER B 236 -16.72 14.48 14.86
CA SER B 236 -17.32 14.00 13.62
C SER B 236 -18.65 13.28 13.87
N VAL B 237 -18.71 12.42 14.90
CA VAL B 237 -19.97 11.74 15.19
C VAL B 237 -21.02 12.75 15.64
N ALA B 238 -20.67 13.63 16.58
CA ALA B 238 -21.61 14.61 17.10
C ALA B 238 -22.17 15.49 15.98
N THR B 239 -21.32 15.92 15.05
CA THR B 239 -21.78 16.76 13.96
C THR B 239 -22.73 16.00 13.03
N HIS B 240 -22.49 14.70 12.81
CA HIS B 240 -23.41 13.98 11.96
C HIS B 240 -24.73 13.68 12.66
N VAL B 241 -24.73 13.57 13.99
CA VAL B 241 -26.00 13.50 14.70
C VAL B 241 -26.81 14.77 14.44
N ASP B 242 -26.18 15.94 14.61
CA ASP B 242 -26.84 17.23 14.47
C ASP B 242 -27.41 17.41 13.07
N LEU B 243 -26.57 17.30 12.05
CA LEU B 243 -27.02 17.54 10.69
C LEU B 243 -27.97 16.45 10.22
N GLY B 244 -27.82 15.22 10.72
CA GLY B 244 -28.82 14.21 10.46
C GLY B 244 -30.18 14.59 11.02
N VAL B 245 -30.20 15.14 12.23
CA VAL B 245 -31.44 15.63 12.80
C VAL B 245 -32.06 16.71 11.90
N VAL B 246 -31.24 17.68 11.48
CA VAL B 246 -31.73 18.74 10.59
C VAL B 246 -32.38 18.12 9.36
N LEU B 247 -31.67 17.22 8.68
CA LEU B 247 -32.22 16.63 7.45
C LEU B 247 -33.52 15.89 7.71
N PHE B 248 -33.59 15.13 8.81
CA PHE B 248 -34.84 14.44 9.10
C PHE B 248 -35.96 15.40 9.49
N THR B 249 -35.65 16.58 10.04
CA THR B 249 -36.70 17.57 10.28
C THR B 249 -37.21 18.15 8.98
N GLN B 250 -36.31 18.36 8.00
CA GLN B 250 -36.72 18.87 6.70
C GLN B 250 -37.44 17.82 5.87
N TYR B 251 -37.16 16.54 6.08
CA TYR B 251 -37.73 15.47 5.26
C TYR B 251 -38.49 14.49 6.14
N PRO B 252 -39.59 14.94 6.76
CA PRO B 252 -40.25 14.11 7.78
C PRO B 252 -40.90 12.88 7.21
N ASP B 253 -41.21 12.87 5.91
CA ASP B 253 -41.79 11.67 5.29
C ASP B 253 -40.75 10.55 5.26
N GLN B 254 -39.50 10.90 4.97
CA GLN B 254 -38.43 9.90 4.94
C GLN B 254 -38.05 9.45 6.34
N LEU B 255 -38.12 10.36 7.31
CA LEU B 255 -37.89 9.97 8.69
C LEU B 255 -38.90 8.91 9.13
N LYS B 256 -40.18 9.13 8.80
CA LYS B 256 -41.20 8.20 9.25
C LYS B 256 -41.01 6.82 8.64
N GLU B 257 -40.66 6.74 7.35
CA GLU B 257 -40.41 5.42 6.79
C GLU B 257 -39.09 4.82 7.26
N ALA B 258 -38.12 5.65 7.64
CA ALA B 258 -36.92 5.11 8.29
C ALA B 258 -37.27 4.53 9.66
N LEU B 259 -38.16 5.20 10.39
CA LEU B 259 -38.60 4.66 11.68
C LEU B 259 -39.42 3.37 11.51
N ALA B 260 -40.12 3.20 10.39
CA ALA B 260 -40.94 2.01 10.21
C ALA B 260 -40.17 0.82 9.64
N ASP B 261 -38.98 1.03 9.06
CA ASP B 261 -38.25 0.00 8.33
C ASP B 261 -36.76 0.12 8.65
N GLU B 262 -36.23 -0.84 9.40
CA GLU B 262 -34.83 -0.80 9.82
C GLU B 262 -33.87 -0.71 8.62
N LYS B 263 -34.21 -1.37 7.50
CA LYS B 263 -33.33 -1.29 6.33
C LYS B 263 -33.29 0.12 5.75
N LEU B 264 -34.38 0.88 5.89
CA LEU B 264 -34.38 2.25 5.40
C LEU B 264 -33.69 3.19 6.38
N MET B 265 -33.72 2.89 7.68
CA MET B 265 -32.86 3.60 8.62
C MET B 265 -31.40 3.39 8.26
N ARG B 266 -30.99 2.15 7.94
CA ARG B 266 -29.61 1.91 7.57
C ARG B 266 -29.23 2.70 6.33
N SER B 267 -30.05 2.65 5.28
CA SER B 267 -29.69 3.41 4.09
C SER B 267 -29.90 4.90 4.30
N GLY B 268 -30.76 5.27 5.26
CA GLY B 268 -30.87 6.68 5.64
C GLY B 268 -29.62 7.18 6.34
N VAL B 269 -29.03 6.36 7.19
CA VAL B 269 -27.74 6.75 7.79
C VAL B 269 -26.70 6.94 6.71
N GLU B 270 -26.69 6.07 5.69
CA GLU B 270 -25.73 6.23 4.60
C GLU B 270 -25.97 7.53 3.84
N GLU B 271 -27.24 7.89 3.62
CA GLU B 271 -27.49 9.15 2.92
C GLU B 271 -27.18 10.35 3.81
N ILE B 272 -27.28 10.20 5.13
CA ILE B 272 -26.77 11.22 6.05
C ILE B 272 -25.25 11.33 5.92
N LEU B 273 -24.56 10.21 6.00
CA LEU B 273 -23.12 10.24 5.83
C LEU B 273 -22.70 10.86 4.50
N ARG B 274 -23.53 10.73 3.46
CA ARG B 274 -23.17 11.34 2.20
C ARG B 274 -23.40 12.85 2.21
N ALA B 275 -24.54 13.30 2.74
CA ALA B 275 -25.02 14.64 2.46
C ALA B 275 -25.06 15.58 3.66
N ALA B 276 -24.93 15.08 4.89
CA ALA B 276 -25.13 15.95 6.07
C ALA B 276 -23.84 16.72 6.38
N LYS B 277 -23.57 17.73 5.56
CA LYS B 277 -22.29 18.44 5.58
C LYS B 277 -22.46 19.93 5.80
N ALA B 278 -21.46 20.55 6.43
CA ALA B 278 -21.49 22.01 6.57
C ALA B 278 -21.43 22.67 5.21
N GLY B 279 -20.66 22.10 4.28
CA GLY B 279 -20.59 22.58 2.92
C GLY B 279 -19.28 23.24 2.57
N GLY B 280 -18.40 23.47 3.55
CA GLY B 280 -17.04 23.89 3.29
C GLY B 280 -16.18 22.69 2.96
N SER B 281 -14.87 22.88 3.03
CA SER B 281 -13.95 21.86 2.57
C SER B 281 -14.07 20.57 3.38
N GLY B 282 -14.24 19.45 2.69
CA GLY B 282 -14.21 18.15 3.34
C GLY B 282 -12.84 17.53 3.44
N ALA B 283 -11.79 18.26 3.09
CA ALA B 283 -10.42 17.77 3.25
C ALA B 283 -10.10 17.65 4.73
N ALA B 284 -9.54 16.50 5.13
CA ALA B 284 -9.30 16.21 6.53
C ALA B 284 -7.82 16.34 6.86
N LEU B 285 -6.97 15.48 6.29
CA LEU B 285 -5.57 15.43 6.66
C LEU B 285 -4.68 15.71 5.45
N PRO B 286 -3.48 16.28 5.67
CA PRO B 286 -2.52 16.37 4.57
C PRO B 286 -2.03 14.99 4.14
N ARG B 287 -1.79 14.84 2.84
CA ARG B 287 -1.01 13.77 2.25
C ARG B 287 0.09 14.40 1.40
N TYR B 288 1.22 13.69 1.28
CA TYR B 288 2.32 14.15 0.42
C TYR B 288 2.73 13.07 -0.58
N ALA B 289 2.93 13.46 -1.83
CA ALA B 289 3.49 12.55 -2.81
C ALA B 289 4.91 12.18 -2.42
N THR B 290 5.22 10.89 -2.50
CA THR B 290 6.58 10.38 -2.27
C THR B 290 7.35 10.15 -3.55
N ASP B 291 6.64 10.10 -4.68
CA ASP B 291 7.15 10.08 -6.05
C ASP B 291 6.19 10.87 -6.90
N ASP B 292 6.56 11.13 -8.15
CA ASP B 292 5.66 11.85 -9.03
C ASP B 292 4.47 10.94 -9.41
N ILE B 293 3.29 11.55 -9.51
CA ILE B 293 2.05 10.85 -9.86
C ILE B 293 1.41 11.56 -11.05
N GLU B 294 1.19 10.82 -12.14
CA GLU B 294 0.50 11.35 -13.32
C GLU B 294 -0.99 11.03 -13.20
N ILE B 295 -1.83 12.06 -13.21
CA ILE B 295 -3.27 11.81 -13.13
C ILE B 295 -4.02 13.05 -13.63
N ALA B 296 -5.10 12.80 -14.37
CA ALA B 296 -6.01 13.86 -14.80
C ALA B 296 -5.28 15.01 -15.47
N ASP B 297 -4.30 14.67 -16.31
CA ASP B 297 -3.58 15.64 -17.13
C ASP B 297 -2.76 16.59 -16.28
N VAL B 298 -2.35 16.12 -15.11
CA VAL B 298 -1.56 16.91 -14.20
C VAL B 298 -0.47 15.99 -13.67
N THR B 299 0.59 16.59 -13.13
CA THR B 299 1.68 15.83 -12.53
C THR B 299 1.88 16.29 -11.09
N ILE B 300 1.49 15.46 -10.15
CA ILE B 300 1.77 15.71 -8.74
C ILE B 300 3.22 15.35 -8.50
N ARG B 301 4.00 16.28 -7.98
CA ARG B 301 5.44 16.11 -7.83
C ARG B 301 5.79 15.67 -6.42
N THR B 302 6.91 14.96 -6.31
CA THR B 302 7.39 14.53 -5.01
C THR B 302 7.43 15.71 -4.04
N GLY B 303 6.84 15.52 -2.86
CA GLY B 303 6.77 16.56 -1.88
C GLY B 303 5.56 17.46 -1.96
N ASP B 304 4.78 17.40 -3.04
CA ASP B 304 3.55 18.18 -3.15
C ASP B 304 2.54 17.74 -2.08
N LEU B 305 1.78 18.71 -1.59
CA LEU B 305 0.67 18.48 -0.70
C LEU B 305 -0.58 18.09 -1.50
N VAL B 306 -1.22 16.99 -1.12
CA VAL B 306 -2.43 16.54 -1.80
C VAL B 306 -3.56 16.51 -0.79
N LEU B 307 -4.67 17.15 -1.12
CA LEU B 307 -5.82 17.24 -0.22
C LEU B 307 -6.96 16.47 -0.85
N LEU B 308 -7.37 15.38 -0.22
CA LEU B 308 -8.50 14.60 -0.73
C LEU B 308 -9.78 15.11 -0.06
N ASP B 309 -10.68 15.71 -0.85
CA ASP B 309 -11.90 16.33 -0.30
C ASP B 309 -13.04 15.31 -0.34
N PHE B 310 -13.19 14.58 0.75
CA PHE B 310 -14.21 13.53 0.80
C PHE B 310 -15.62 14.09 0.67
N THR B 311 -15.88 15.29 1.20
CA THR B 311 -17.23 15.83 1.12
C THR B 311 -17.58 16.26 -0.30
N LEU B 312 -16.63 16.89 -0.99
CA LEU B 312 -16.87 17.42 -2.33
C LEU B 312 -17.26 16.32 -3.31
N VAL B 313 -16.55 15.19 -3.28
CA VAL B 313 -16.84 14.12 -4.21
C VAL B 313 -18.17 13.44 -3.90
N ASN B 314 -18.75 13.67 -2.70
CA ASN B 314 -20.08 13.15 -2.41
C ASN B 314 -21.17 13.84 -3.21
N PHE B 315 -20.86 14.97 -3.84
CA PHE B 315 -21.81 15.72 -4.65
C PHE B 315 -21.43 15.71 -6.14
N ASP B 316 -20.56 14.78 -6.54
CA ASP B 316 -20.14 14.59 -7.93
C ASP B 316 -21.31 14.08 -8.76
N GLU B 317 -21.79 14.90 -9.71
CA GLU B 317 -22.96 14.48 -10.47
C GLU B 317 -22.68 13.33 -11.41
N ALA B 318 -21.41 13.08 -11.76
CA ALA B 318 -21.10 11.91 -12.55
C ALA B 318 -21.44 10.62 -11.83
N VAL B 319 -21.49 10.65 -10.49
CA VAL B 319 -21.70 9.47 -9.68
C VAL B 319 -23.08 9.47 -9.02
N PHE B 320 -23.54 10.61 -8.53
CA PHE B 320 -24.76 10.69 -7.73
C PHE B 320 -25.84 11.40 -8.52
N ASP B 321 -26.89 10.66 -8.90
CA ASP B 321 -28.02 11.27 -9.59
C ASP B 321 -28.70 12.28 -8.67
N ASP B 322 -28.91 13.50 -9.18
CA ASP B 322 -29.52 14.59 -8.42
C ASP B 322 -28.83 14.74 -7.06
N ALA B 323 -27.58 15.21 -7.14
CA ALA B 323 -26.64 15.08 -6.02
C ALA B 323 -27.08 15.83 -4.78
N ASP B 324 -27.86 16.89 -4.94
CA ASP B 324 -28.31 17.72 -3.82
C ASP B 324 -29.60 17.23 -3.18
N LEU B 325 -30.28 16.26 -3.76
CA LEU B 325 -31.50 15.72 -3.18
C LEU B 325 -31.13 14.72 -2.08
N PHE B 326 -31.69 14.92 -0.89
CA PHE B 326 -31.60 13.92 0.18
C PHE B 326 -32.58 12.78 -0.10
N ASP B 327 -32.06 11.57 -0.30
CA ASP B 327 -32.89 10.41 -0.71
C ASP B 327 -32.40 9.17 0.03
N ILE B 328 -33.11 8.78 1.09
CA ILE B 328 -32.64 7.67 1.92
C ILE B 328 -32.68 6.33 1.20
N ARG B 329 -33.37 6.26 0.05
CA ARG B 329 -33.42 5.05 -0.75
C ARG B 329 -32.23 4.90 -1.68
N ARG B 330 -31.38 5.91 -1.78
CA ARG B 330 -30.19 5.86 -2.62
C ARG B 330 -29.44 4.56 -2.36
N SER B 331 -29.21 3.77 -3.41
CA SER B 331 -28.60 2.46 -3.18
C SER B 331 -27.98 1.91 -4.45
N PRO B 332 -26.76 1.34 -4.40
CA PRO B 332 -25.92 1.44 -3.20
C PRO B 332 -25.38 2.86 -3.10
N ASN B 333 -25.00 3.27 -1.91
CA ASN B 333 -24.56 4.63 -1.67
C ASN B 333 -23.03 4.65 -1.71
N GLU B 334 -22.49 5.18 -2.81
CA GLU B 334 -21.06 5.12 -3.06
C GLU B 334 -20.31 6.35 -2.52
N HIS B 335 -20.80 6.93 -1.43
CA HIS B 335 -20.11 8.04 -0.79
C HIS B 335 -18.73 7.60 -0.30
N LEU B 336 -17.80 8.55 -0.25
CA LEU B 336 -16.43 8.30 0.20
C LEU B 336 -16.15 8.99 1.54
N THR B 337 -17.19 9.15 2.35
CA THR B 337 -17.09 9.87 3.61
C THR B 337 -16.08 9.25 4.58
N PHE B 338 -15.92 7.93 4.53
CA PHE B 338 -14.95 7.25 5.39
C PHE B 338 -13.64 6.96 4.69
N GLY B 339 -13.44 7.49 3.48
CA GLY B 339 -12.24 7.13 2.76
C GLY B 339 -12.34 5.69 2.28
N HIS B 340 -11.17 5.10 2.04
CA HIS B 340 -11.15 3.79 1.41
C HIS B 340 -9.72 3.26 1.46
N GLY B 341 -9.60 1.95 1.29
CA GLY B 341 -8.27 1.37 1.22
C GLY B 341 -7.53 1.49 2.54
N MET B 342 -6.22 1.70 2.44
CA MET B 342 -5.39 1.77 3.64
C MET B 342 -5.70 2.99 4.51
N TRP B 343 -6.55 3.90 4.05
CA TRP B 343 -6.87 5.11 4.81
C TRP B 343 -8.26 5.07 5.43
N HIS B 344 -8.97 3.96 5.27
CA HIS B 344 -10.37 3.89 5.61
C HIS B 344 -10.58 4.11 7.10
N CYS B 345 -11.56 4.93 7.43
CA CYS B 345 -11.91 5.23 8.82
C CYS B 345 -12.01 3.97 9.65
N ILE B 346 -11.20 3.89 10.69
CA ILE B 346 -11.26 2.71 11.53
C ILE B 346 -12.53 2.70 12.39
N GLY B 347 -13.06 3.86 12.75
CA GLY B 347 -14.26 3.84 13.56
C GLY B 347 -15.56 3.72 12.78
N ALA B 348 -15.51 3.55 11.46
CA ALA B 348 -16.72 3.57 10.65
C ALA B 348 -17.82 2.63 11.14
N PRO B 349 -17.56 1.39 11.53
CA PRO B 349 -18.68 0.56 12.00
C PRO B 349 -19.34 1.12 13.25
N LEU B 350 -18.54 1.63 14.19
CA LEU B 350 -19.09 2.27 15.39
C LEU B 350 -19.85 3.54 15.04
N ALA B 351 -19.29 4.38 14.16
CA ALA B 351 -20.00 5.61 13.81
C ALA B 351 -21.40 5.30 13.25
N ARG B 352 -21.51 4.30 12.37
CA ARG B 352 -22.81 3.96 11.78
C ARG B 352 -23.78 3.46 12.84
N MET B 353 -23.28 2.66 13.76
CA MET B 353 -24.11 2.16 14.85
C MET B 353 -24.55 3.30 15.79
N MET B 354 -23.65 4.23 16.09
CA MET B 354 -24.03 5.37 16.94
C MET B 354 -25.06 6.27 16.27
N LEU B 355 -24.92 6.54 14.97
CA LEU B 355 -25.88 7.42 14.29
C LEU B 355 -27.27 6.78 14.27
N LYS B 356 -27.36 5.52 13.85
CA LYS B 356 -28.64 4.80 13.84
C LYS B 356 -29.29 4.84 15.22
N THR B 357 -28.50 4.57 16.27
CA THR B 357 -29.05 4.59 17.62
C THR B 357 -29.59 5.97 17.96
N ALA B 358 -28.83 7.02 17.64
CA ALA B 358 -29.23 8.38 17.97
C ALA B 358 -30.53 8.79 17.27
N TYR B 359 -30.61 8.60 15.95
CA TYR B 359 -31.82 9.01 15.25
C TYR B 359 -33.02 8.22 15.71
N THR B 360 -32.84 6.90 15.88
CA THR B 360 -33.94 6.04 16.30
C THR B 360 -34.51 6.48 17.64
N GLN B 361 -33.65 6.55 18.67
CA GLN B 361 -34.14 6.91 20.00
C GLN B 361 -34.68 8.34 20.02
N LEU B 362 -33.94 9.27 19.39
CA LEU B 362 -34.32 10.68 19.41
C LEU B 362 -35.73 10.88 18.89
N PHE B 363 -36.00 10.37 17.69
CA PHE B 363 -37.29 10.65 17.05
C PHE B 363 -38.39 9.71 17.51
N THR B 364 -38.05 8.60 18.16
CA THR B 364 -39.10 7.82 18.80
C THR B 364 -39.57 8.50 20.08
N ARG B 365 -38.63 9.02 20.88
CA ARG B 365 -39.00 9.69 22.12
C ARG B 365 -39.59 11.07 21.87
N LEU B 366 -39.07 11.80 20.88
CA LEU B 366 -39.49 13.17 20.60
C LEU B 366 -40.00 13.24 19.17
N PRO B 367 -41.12 12.57 18.86
CA PRO B 367 -41.58 12.58 17.46
C PRO B 367 -41.88 13.97 16.95
N GLY B 368 -42.16 14.91 17.85
CA GLY B 368 -42.37 16.28 17.43
C GLY B 368 -41.14 17.12 17.24
N LEU B 369 -39.93 16.54 17.33
CA LEU B 369 -38.69 17.33 17.24
C LEU B 369 -38.70 18.20 15.99
N LYS B 370 -38.31 19.46 16.15
CA LYS B 370 -38.29 20.36 15.01
C LYS B 370 -37.32 21.51 15.29
N LEU B 371 -36.78 22.07 14.21
CA LEU B 371 -35.86 23.19 14.34
C LEU B 371 -36.53 24.37 15.02
N ALA B 372 -35.80 25.05 15.90
CA ALA B 372 -36.34 26.25 16.50
C ALA B 372 -36.13 27.46 15.59
N SER B 373 -35.09 27.44 14.77
CA SER B 373 -34.86 28.48 13.78
C SER B 373 -35.13 27.92 12.38
N SER B 374 -34.36 28.33 11.39
CA SER B 374 -34.42 27.75 10.06
C SER B 374 -33.02 27.30 9.67
N VAL B 375 -32.96 26.38 8.70
CA VAL B 375 -31.66 25.90 8.22
C VAL B 375 -30.77 27.06 7.82
N GLU B 376 -31.37 28.06 7.16
CA GLU B 376 -30.62 29.22 6.65
C GLU B 376 -29.94 29.97 7.79
N GLU B 377 -30.56 30.00 8.96
CA GLU B 377 -30.02 30.75 10.09
C GLU B 377 -29.01 29.97 10.92
N LEU B 378 -28.83 28.67 10.66
CA LEU B 378 -27.84 27.91 11.41
C LEU B 378 -26.44 28.41 11.05
N GLN B 379 -25.56 28.44 12.04
CA GLN B 379 -24.21 28.96 11.86
C GLN B 379 -23.20 27.84 11.97
N VAL B 380 -22.31 27.78 11.02
CA VAL B 380 -21.21 26.85 11.07
C VAL B 380 -20.06 27.53 11.78
N THR B 381 -19.26 26.75 12.51
CA THR B 381 -18.11 27.33 13.19
C THR B 381 -16.95 27.48 12.20
N SER B 382 -16.08 28.44 12.46
CA SER B 382 -15.00 28.73 11.53
C SER B 382 -13.66 28.78 12.28
N GLY B 383 -12.58 28.63 11.51
CA GLY B 383 -11.25 28.55 12.09
C GLY B 383 -11.04 27.37 13.02
N GLN B 384 -11.75 26.27 12.79
CA GLN B 384 -11.65 25.08 13.61
C GLN B 384 -11.43 23.87 12.72
N LEU B 385 -10.63 22.93 13.19
CA LEU B 385 -10.70 21.59 12.62
C LEU B 385 -12.06 21.01 12.91
N ASN B 386 -12.57 20.21 11.96
CA ASN B 386 -13.94 19.71 11.92
C ASN B 386 -14.89 20.61 12.70
N GLY B 387 -15.19 21.77 12.14
CA GLY B 387 -16.20 22.63 12.73
C GLY B 387 -17.57 22.00 12.59
N GLY B 388 -18.30 21.93 13.68
CA GLY B 388 -19.70 21.60 13.65
C GLY B 388 -20.55 22.84 13.45
N LEU B 389 -21.78 22.76 13.93
CA LEU B 389 -22.55 23.96 14.08
C LEU B 389 -22.18 24.61 15.40
N THR B 390 -22.43 25.91 15.50
N THR B 390 -22.41 25.91 15.49
CA THR B 390 -22.22 26.57 16.79
CA THR B 390 -22.24 26.58 16.77
C THR B 390 -23.29 26.15 17.78
C THR B 390 -23.29 26.13 17.77
N GLU B 391 -24.49 25.82 17.31
CA GLU B 391 -25.56 25.30 18.15
C GLU B 391 -26.69 24.85 17.24
N LEU B 392 -27.62 24.09 17.81
CA LEU B 392 -28.76 23.57 17.05
C LEU B 392 -30.00 23.65 17.92
N PRO B 393 -30.69 24.79 17.90
CA PRO B 393 -31.87 24.97 18.76
C PRO B 393 -33.09 24.25 18.20
N VAL B 394 -33.67 23.38 19.03
CA VAL B 394 -34.83 22.60 18.64
C VAL B 394 -35.88 22.69 19.73
N THR B 395 -37.11 22.35 19.35
CA THR B 395 -38.26 22.20 20.23
C THR B 395 -38.90 20.85 19.94
N TRP B 396 -39.82 20.41 20.80
CA TRP B 396 -40.48 19.10 20.60
C TRP B 396 -41.79 18.94 21.37
CHA HEM C . 11.27 -9.57 -6.10
CHB HEM C . 13.76 -9.59 -10.26
CHC HEM C . 17.75 -10.88 -7.82
CHD HEM C . 15.17 -11.11 -3.70
C1A HEM C . 11.60 -9.44 -7.43
C2A HEM C . 10.70 -9.04 -8.49
C3A HEM C . 11.39 -9.07 -9.63
C4A HEM C . 12.74 -9.47 -9.33
CMA HEM C . 10.88 -8.72 -11.04
CAA HEM C . 9.21 -8.68 -8.33
CBA HEM C . 8.39 -9.97 -8.31
CGA HEM C . 6.91 -9.68 -8.43
O1A HEM C . 6.32 -10.03 -9.49
O2A HEM C . 6.34 -9.09 -7.48
C1B HEM C . 15.07 -9.94 -9.95
C2B HEM C . 16.15 -10.02 -10.91
C3B HEM C . 17.27 -10.39 -10.24
C4B HEM C . 16.90 -10.54 -8.85
CMB HEM C . 15.95 -9.73 -12.41
CAB HEM C . 18.71 -10.62 -10.75
CBB HEM C . 19.17 -10.11 -11.89
C1C HEM C . 17.40 -11.07 -6.51
C2C HEM C . 18.27 -11.54 -5.47
C3C HEM C . 17.55 -11.62 -4.34
C4C HEM C . 16.21 -11.19 -4.62
CMC HEM C . 19.77 -11.87 -5.71
CAC HEM C . 17.97 -12.05 -2.91
CBC HEM C . 19.23 -12.17 -2.49
C1D HEM C . 13.88 -10.74 -4.00
C2D HEM C . 12.73 -10.79 -3.11
C3D HEM C . 11.67 -10.37 -3.78
C4D HEM C . 12.09 -10.04 -5.12
CMD HEM C . 12.75 -11.26 -1.65
CAD HEM C . 10.22 -10.25 -3.24
CBD HEM C . 9.96 -8.80 -2.85
CGD HEM C . 8.56 -8.64 -2.25
O1D HEM C . 8.21 -7.49 -1.91
O2D HEM C . 7.80 -9.64 -2.10
NA HEM C . 12.83 -9.68 -7.98
NB HEM C . 15.56 -10.26 -8.71
NC HEM C . 16.15 -10.87 -5.96
ND HEM C . 13.45 -10.27 -5.22
FE HEM C . 14.52 -10.12 -6.94
C19 4UH D . 13.03 -12.80 -13.69
C20 4UH D . 11.77 -13.98 -15.49
C21 4UH D . 12.39 -12.94 -16.42
C22 4UH D . 13.85 -12.80 -16.09
C23 4UH D . 14.10 -12.38 -14.65
C24 4UH D . 13.31 -12.63 -12.20
C25 4UH D . 10.32 -14.25 -15.83
C26 4UH D . 12.50 -13.60 -11.31
C27 4UH D . 9.75 -15.57 -15.22
C28 4UH D . 12.29 -13.31 -17.94
C29 4UH D . 12.28 -12.94 -9.95
C30 4UH D . 9.40 -17.21 -16.85
C31 4UH D . 11.70 -13.94 -8.95
C32 4UH D . 10.14 -17.99 -17.95
C33 4UH D . 9.14 -18.40 -19.04
C34 4UH D . 7.97 -19.11 -18.38
C35 4UH D . 7.42 -18.31 -17.20
C36 4UH D . 11.34 -13.22 -7.65
C37 4UH D . 9.95 -15.65 -13.71
C38 4UH D . 10.58 -14.18 -6.70
C39 4UH D . 6.35 -19.13 -16.53
C40 4UH D . 9.97 -13.40 -5.52
C41 4UH D . 9.46 -16.63 -12.97
C42 4UH D . 9.40 -14.34 -4.44
C43 4UH D . 8.52 -13.52 -3.49
C44 4UH D . 8.36 -14.21 -2.11
C45 4UH D . 9.72 -16.56 -11.47
C46 4UH D . 7.35 -13.44 -1.28
C47 4UH D . 4.51 -15.61 1.76
C48 4UH D . 4.49 -16.71 2.84
C49 4UH D . 5.66 -14.61 1.92
C50 4UH D . 5.54 -17.81 2.53
C51 4UH D . 8.97 -17.22 -10.63
C52 4UH D . 7.00 -14.25 -0.02
C53 4UH D . 3.20 -14.83 1.75
C54 4UH D . 5.33 -13.53 2.96
C55 4UH D . 5.22 -19.07 3.32
C56 4UH D . 5.53 -18.08 1.02
C57 4UH D . 9.24 -17.13 -9.12
C58 4UH D . 6.61 -18.38 0.33
C59 4UH D . 8.47 -17.77 -8.27
C60 4UH D . 6.43 -18.57 -1.17
C61 4UH D . 8.73 -17.65 -6.75
C62 4UH D . 7.42 -18.34 -2.01
C63 4UH D . 7.88 -18.19 -5.89
C64 4UH D . 7.19 -18.49 -3.52
C65 4UH D . 8.11 -18.07 -4.37
N18 4UH D . 9.75 -19.33 -19.96
O01 4UH D . 11.82 -13.53 -14.09
O02 4UH D . 13.69 -14.05 -13.64
O03 4UH D . 14.41 -11.81 -16.95
O04 4UH D . 10.26 -16.72 -15.85
O05 4UH D . 8.45 -18.05 -16.28
O06 4UH D . 13.25 -14.77 -11.17
O07 4UH D . 12.54 -14.50 -18.34
O08 4UH D . 11.97 -12.44 -18.80
O09 4UH D . 12.70 -14.88 -8.66
O10 4UH D . 10.64 -19.15 -17.40
O11 4UH D . 6.96 -19.24 -19.34
O12 4UH D . 12.52 -12.75 -7.05
O13 4UH D . 10.43 -15.02 -3.75
O14 4UH D . 9.58 -14.24 -1.44
O15 4UH D . 5.82 -13.94 0.70
O16 4UH D . 4.70 -16.18 4.12
O17 4UH D . 7.71 -15.12 0.36
S SO4 E . 15.57 0.39 -9.73
O1 SO4 E . 14.12 0.39 -9.54
O2 SO4 E . 16.08 1.74 -9.58
O3 SO4 E . 15.89 -0.09 -11.06
O4 SO4 E . 16.21 -0.48 -8.74
S SO4 F . 21.16 -2.95 10.43
O1 SO4 F . 19.81 -2.43 10.58
O2 SO4 F . 21.64 -3.43 11.71
O3 SO4 F . 21.17 -4.03 9.44
O4 SO4 F . 22.05 -1.89 9.92
CHA HEM G . -9.96 8.15 9.49
CHB HEM G . -14.22 10.31 8.79
CHC HEM G . -15.73 8.59 13.10
CHD HEM G . -11.30 6.87 14.00
C1A HEM G . -10.97 8.89 8.92
C2A HEM G . -10.92 9.55 7.62
C3A HEM G . -12.10 10.15 7.43
C4A HEM G . -12.94 9.87 8.58
CMA HEM G . -12.52 10.97 6.20
CAA HEM G . -9.71 9.57 6.65
CBA HEM G . -8.86 10.78 7.03
CGA HEM G . -7.72 10.99 6.04
O1A HEM G . -7.68 12.07 5.41
O2A HEM G . -6.87 10.08 5.86
C1B HEM G . -15.00 10.02 9.90
C2B HEM G . -16.40 10.36 10.07
C3B HEM G . -16.81 9.89 11.26
C4B HEM G . -15.69 9.22 11.86
CMB HEM G . -17.21 11.15 9.03
CAB HEM G . -18.20 9.96 11.95
CBB HEM G . -19.35 10.14 11.30
C1C HEM G . -14.67 7.98 13.72
C2C HEM G . -14.70 7.31 15.03
C3C HEM G . -13.46 6.86 15.28
C4C HEM G . -12.63 7.20 14.14
CMC HEM G . -15.96 7.22 15.92
CAC HEM G . -12.89 6.09 16.48
CBC HEM G . -13.64 5.44 17.38
C1D HEM G . -10.56 7.08 12.85
C2D HEM G . -9.15 6.76 12.69
C3D HEM G . -8.78 7.10 11.45
C4D HEM G . -9.93 7.67 10.78
CMD HEM G . -8.28 6.14 13.80
CAD HEM G . -7.35 6.96 10.88
CBD HEM G . -7.25 5.80 9.88
CGD HEM G . -5.84 5.70 9.30
O1D HEM G . -5.61 4.78 8.47
O2D HEM G . -4.95 6.53 9.64
NA HEM G . -12.21 9.11 9.46
NB HEM G . -14.60 9.34 11.01
NC HEM G . -13.39 7.88 13.22
ND HEM G . -11.00 7.64 11.66
FE HEM G . -12.82 8.29 11.27
C19 4UH H . -14.88 14.97 8.78
C20 4UH H . -14.67 17.33 7.99
C21 4UH H . -15.89 17.00 7.12
C22 4UH H . -16.91 16.24 7.93
C23 4UH H . -16.37 14.97 8.53
C24 4UH H . -14.28 13.83 9.60
C25 4UH H . -13.65 18.15 7.26
C26 4UH H . -12.91 14.19 10.24
C27 4UH H . -12.56 18.81 8.16
C28 4UH H . -16.61 18.27 6.59
C29 4UH H . -12.06 12.90 10.29
C30 4UH H . -12.70 21.12 8.13
C31 4UH H . -10.86 13.03 11.26
C32 4UH H . -13.81 22.15 8.30
C33 4UH H . -13.45 23.40 7.48
C34 4UH H . -12.07 23.88 7.91
C35 4UH H . -11.06 22.74 7.81
C36 4UH H . -10.10 11.70 11.25
C37 4UH H . -11.89 17.83 9.14
C38 4UH H . -8.77 11.89 12.02
C39 4UH H . -9.75 23.26 8.39
C40 4UH H . -7.71 10.83 11.64
C41 4UH H . -10.75 18.13 9.71
C42 4UH H . -6.50 10.95 12.58
C43 4UH H . -5.38 10.02 12.10
C44 4UH H . -4.38 9.74 13.24
C45 4UH H . -10.13 17.10 10.64
C46 4UH H . -3.26 8.86 12.69
C47 4UH H . 1.26 9.39 13.85
C48 4UH H . 2.12 9.59 15.12
C49 4UH H . 0.25 8.24 13.99
C50 4UH H . 1.27 10.14 16.28
C51 4UH H . -8.92 17.25 11.13
C52 4UH H . -2.06 8.77 13.66
C53 4UH H . 2.16 9.17 12.64
C54 4UH H . 0.82 6.87 13.62
C55 4UH H . 2.18 10.64 17.41
C56 4UH H . 0.41 11.27 15.75
C57 4UH H . -8.33 16.16 12.04
C58 4UH H . -0.62 11.81 16.37
C59 4UH H . -7.05 16.20 12.37
C60 4UH H . -1.34 12.91 15.62
C61 4UH H . -6.46 15.11 13.26
C62 4UH H . -2.67 12.97 15.62
C63 4UH H . -5.22 15.21 13.72
C64 4UH H . -3.32 14.08 14.81
C65 4UH H . -4.62 14.07 14.58
N18 4UH H . -14.46 24.43 7.72
O01 4UH H . -14.01 16.09 8.41
O02 4UH H . -15.13 15.62 10.00
O03 4UH H . -18.08 15.98 7.17
O04 4UH H . -13.02 19.95 8.84
O05 4UH H . -11.46 21.61 8.55
O06 4UH H . -13.17 14.62 11.53
O07 4UH H . -17.04 18.32 5.39
O08 4UH H . -16.82 19.25 7.35
O09 4UH H . -11.36 13.30 12.55
O10 4UH H . -13.92 22.47 9.66
O11 4UH H . -11.62 24.90 7.07
O12 4UH H . -10.91 10.71 11.84
O13 4UH H . -6.88 10.64 13.88
O14 4UH H . -5.02 9.05 14.25
O15 4UH H . -0.79 8.50 13.10
O16 4UH H . 2.76 8.39 15.50
O17 4UH H . -2.18 8.93 14.84
S SO4 I . -17.32 2.35 3.42
O1 SO4 I . -18.29 3.32 2.95
O2 SO4 I . -17.12 2.50 4.85
O3 SO4 I . -17.85 0.99 3.27
O4 SO4 I . -16.07 2.51 2.68
#